data_4O9D
#
_entry.id   4O9D
#
_cell.length_a   121.150
_cell.length_b   102.790
_cell.length_c   95.100
_cell.angle_alpha   90.00
_cell.angle_beta   122.36
_cell.angle_gamma   90.00
#
_symmetry.space_group_name_H-M   'C 1 2 1'
#
loop_
_entity.id
_entity.type
_entity.pdbx_description
1 polymer 'Rik1-associated factor 1'
2 non-polymer 1,2-ETHANEDIOL
3 non-polymer 'CHLORIDE ION'
4 water water
#
_entity_poly.entity_id   1
_entity_poly.type   'polypeptide(L)'
_entity_poly.pdbx_seq_one_letter_code
;GAFQREQVHQLMDGESVFFLKPWKHFNETSGDTVCVAYNPLCEKFALGSTAQDGAYNRLGNLWIGDFHSETIQSLESHYK
LNQVGEKEYSTISDLCFSKGNLFLYTGAFDNAVKVWDMEGNLCGIFNAPTDYIHKLALSDDDLLAVACKNGYGYLLSTDN
STGEILTSANLIYPEALEKGYSASLIEFSNFLGRSSDKVIIGYDSFHTSNNRGCLALFDASTASFVQKFNTADEAFTSLY
MHPSQVGFVASSNTLSNGRVYYLDTRMYKVCLNFTTTQKDINHATISNSGILVTSSGTDNQTFVWDSRKPDKPLSLLKHG
KTKMIHFDGANEEEVDAGINMAQWQPKGNLFVTGGSDGIVKVWDLRLNNPFIQNFTEMNSAITYGGFSEDASKLTVCCVG
GDVNMYSLGNDNGNKFGEFRIIENRLLT
;
_entity_poly.pdbx_strand_id   B,A
#
# COMPACT_ATOMS: atom_id res chain seq x y z
N GLU A 15 2.04 8.38 -11.64
CA GLU A 15 3.16 7.68 -11.03
C GLU A 15 3.32 6.29 -11.62
N SER A 16 4.36 6.13 -12.42
CA SER A 16 4.57 4.93 -13.22
C SER A 16 4.65 3.67 -12.36
N VAL A 17 5.03 3.81 -11.10
CA VAL A 17 5.30 2.63 -10.29
C VAL A 17 4.05 1.75 -10.11
N PHE A 18 2.86 2.35 -10.12
CA PHE A 18 1.64 1.54 -10.05
C PHE A 18 1.46 0.72 -11.34
N PHE A 19 2.01 1.20 -12.44
CA PHE A 19 1.77 0.61 -13.75
C PHE A 19 2.84 -0.39 -14.16
N LEU A 20 3.91 -0.46 -13.40
CA LEU A 20 4.97 -1.43 -13.64
C LEU A 20 4.46 -2.83 -13.30
N LYS A 21 4.58 -3.76 -14.26
CA LYS A 21 4.18 -5.13 -13.99
C LYS A 21 5.38 -6.06 -14.16
N PRO A 22 5.37 -7.21 -13.47
CA PRO A 22 6.47 -8.15 -13.67
C PRO A 22 6.72 -8.40 -15.14
N TRP A 23 7.99 -8.52 -15.50
CA TRP A 23 8.36 -8.68 -16.89
C TRP A 23 9.35 -9.82 -17.07
N LYS A 24 10.52 -9.71 -16.46
CA LYS A 24 11.53 -10.75 -16.57
C LYS A 24 12.11 -11.05 -15.23
N HIS A 25 12.42 -12.31 -15.02
CA HIS A 25 13.16 -12.75 -13.86
C HIS A 25 14.39 -13.49 -14.34
N PHE A 26 15.48 -13.33 -13.61
CA PHE A 26 16.77 -13.88 -14.01
C PHE A 26 17.58 -14.30 -12.77
N ASN A 27 18.20 -15.47 -12.83
CA ASN A 27 19.13 -15.93 -11.80
C ASN A 27 20.09 -16.95 -12.38
N GLU A 28 21.13 -16.48 -13.07
CA GLU A 28 22.23 -17.31 -13.51
C GLU A 28 23.40 -16.81 -12.75
N THR A 29 23.05 -16.04 -11.73
CA THR A 29 23.97 -15.15 -11.10
C THR A 29 24.86 -15.89 -10.16
N SER A 30 26.16 -15.78 -10.42
CA SER A 30 27.15 -16.08 -9.42
C SER A 30 27.26 -14.84 -8.55
N GLY A 31 26.91 -14.98 -7.28
CA GLY A 31 26.93 -13.86 -6.34
C GLY A 31 25.60 -13.14 -6.19
N ASP A 32 25.66 -11.97 -5.55
CA ASP A 32 24.51 -11.12 -5.39
C ASP A 32 24.60 -9.99 -6.36
N THR A 33 23.52 -9.67 -7.07
CA THR A 33 23.54 -8.53 -7.95
C THR A 33 23.51 -7.25 -7.13
N VAL A 34 24.56 -6.43 -7.29
CA VAL A 34 24.72 -5.20 -6.55
C VAL A 34 24.91 -3.92 -7.41
N CYS A 35 24.87 -4.03 -8.73
CA CYS A 35 24.66 -2.85 -9.58
C CYS A 35 23.89 -3.19 -10.86
N VAL A 36 23.19 -2.19 -11.37
CA VAL A 36 22.39 -2.32 -12.57
C VAL A 36 22.51 -0.99 -13.30
N ALA A 37 22.58 -1.03 -14.62
CA ALA A 37 22.63 0.21 -15.37
C ALA A 37 21.73 0.10 -16.57
N TYR A 38 21.25 1.25 -17.03
CA TYR A 38 20.50 1.32 -18.26
C TYR A 38 21.23 2.29 -19.19
N ASN A 39 21.20 2.04 -20.48
CA ASN A 39 21.88 2.96 -21.38
C ASN A 39 20.97 4.14 -21.66
N PRO A 40 21.53 5.25 -22.16
CA PRO A 40 20.68 6.45 -22.25
C PRO A 40 19.36 6.17 -22.97
N LEU A 41 19.43 5.46 -24.09
CA LEU A 41 18.26 5.14 -24.91
C LEU A 41 17.29 4.21 -24.20
N CYS A 42 17.71 3.65 -23.07
CA CYS A 42 16.93 2.63 -22.36
C CYS A 42 16.58 1.47 -23.31
N GLU A 43 17.57 1.04 -24.08
CA GLU A 43 17.45 -0.09 -25.00
C GLU A 43 18.19 -1.31 -24.48
N LYS A 44 19.14 -1.08 -23.57
CA LYS A 44 19.99 -2.15 -23.08
C LYS A 44 20.23 -1.92 -21.61
N PHE A 45 20.59 -2.97 -20.88
CA PHE A 45 20.87 -2.86 -19.46
C PHE A 45 22.07 -3.74 -19.15
N ALA A 46 22.65 -3.57 -17.98
CA ALA A 46 23.74 -4.42 -17.54
C ALA A 46 23.65 -4.71 -16.05
N LEU A 47 24.09 -5.90 -15.66
CA LEU A 47 24.01 -6.37 -14.28
C LEU A 47 25.38 -6.76 -13.79
N GLY A 48 25.79 -6.22 -12.64
CA GLY A 48 27.01 -6.64 -12.00
C GLY A 48 26.75 -7.27 -10.64
N SER A 49 27.41 -8.39 -10.36
CA SER A 49 27.23 -9.06 -9.08
C SER A 49 28.54 -9.34 -8.37
N THR A 50 28.43 -9.83 -7.14
CA THR A 50 29.62 -10.06 -6.33
C THR A 50 30.28 -11.41 -6.67
N ALA A 51 31.47 -11.63 -6.13
CA ALA A 51 32.10 -12.94 -6.16
C ALA A 51 31.43 -13.76 -5.10
N GLN A 52 31.47 -15.08 -5.22
CA GLN A 52 31.20 -15.91 -4.04
C GLN A 52 32.36 -16.87 -3.82
N ASP A 53 32.99 -16.68 -2.66
CA ASP A 53 34.37 -17.10 -2.41
C ASP A 53 34.65 -18.61 -2.52
N GLY A 54 33.65 -19.43 -2.25
CA GLY A 54 33.82 -20.87 -2.35
C GLY A 54 32.90 -21.50 -3.39
N ALA A 55 32.27 -20.67 -4.20
CA ALA A 55 31.15 -21.12 -5.03
C ALA A 55 31.50 -21.31 -6.51
N TYR A 56 30.77 -22.23 -7.13
CA TYR A 56 30.91 -22.54 -8.55
C TYR A 56 30.17 -21.48 -9.37
N ASN A 57 30.85 -20.91 -10.36
CA ASN A 57 30.25 -19.89 -11.19
C ASN A 57 30.74 -19.92 -12.64
N ARG A 58 30.13 -20.79 -13.45
CA ARG A 58 30.47 -20.91 -14.86
C ARG A 58 30.24 -19.56 -15.55
N LEU A 59 29.06 -19.01 -15.36
CA LEU A 59 28.71 -17.68 -15.86
C LEU A 59 28.53 -16.73 -14.66
N GLY A 60 28.31 -15.45 -14.92
CA GLY A 60 28.45 -14.43 -13.88
C GLY A 60 29.89 -13.95 -13.96
N ASN A 61 30.19 -12.74 -13.50
CA ASN A 61 29.32 -11.89 -12.69
C ASN A 61 28.94 -10.58 -13.41
N LEU A 62 28.97 -10.59 -14.74
CA LEU A 62 28.81 -9.36 -15.53
C LEU A 62 27.99 -9.58 -16.81
N TRP A 63 26.77 -9.05 -16.85
CA TRP A 63 25.86 -9.34 -17.95
C TRP A 63 25.36 -8.09 -18.67
N ILE A 64 25.07 -8.25 -19.96
CA ILE A 64 24.50 -7.17 -20.74
C ILE A 64 23.31 -7.75 -21.43
N GLY A 65 22.18 -7.07 -21.30
CA GLY A 65 20.92 -7.52 -21.88
C GLY A 65 20.35 -6.49 -22.84
N ASP A 66 19.40 -6.93 -23.67
CA ASP A 66 18.80 -6.11 -24.71
C ASP A 66 17.28 -6.20 -24.59
N PHE A 67 16.62 -5.06 -24.45
CA PHE A 67 15.18 -5.04 -24.18
C PHE A 67 14.36 -5.45 -25.43
N HIS A 68 14.77 -5.00 -26.60
CA HIS A 68 14.08 -5.38 -27.83
C HIS A 68 14.12 -6.89 -28.10
N SER A 69 15.28 -7.52 -27.96
CA SER A 69 15.42 -8.94 -28.32
C SER A 69 15.22 -9.87 -27.13
N GLU A 70 15.21 -9.31 -25.92
CA GLU A 70 15.00 -10.09 -24.72
C GLU A 70 16.07 -11.16 -24.61
N THR A 71 17.29 -10.77 -24.96
CA THR A 71 18.44 -11.65 -24.82
C THR A 71 19.45 -11.07 -23.86
N ILE A 72 20.30 -11.93 -23.32
CA ILE A 72 21.29 -11.52 -22.35
C ILE A 72 22.58 -12.34 -22.55
N GLN A 73 23.72 -11.70 -22.29
CA GLN A 73 25.03 -12.28 -22.59
C GLN A 73 25.99 -12.03 -21.44
N SER A 74 26.74 -13.08 -21.07
CA SER A 74 27.72 -13.03 -19.99
C SER A 74 29.04 -12.50 -20.53
N LEU A 75 29.70 -11.59 -19.80
CA LEU A 75 30.96 -10.99 -20.32
C LEU A 75 32.19 -11.58 -19.67
N GLU A 76 33.35 -11.40 -20.31
CA GLU A 76 34.60 -11.92 -19.77
C GLU A 76 34.85 -11.40 -18.34
N SER A 77 34.38 -10.19 -18.07
CA SER A 77 34.33 -9.63 -16.70
C SER A 77 35.70 -9.36 -16.06
N HIS A 78 35.75 -9.34 -14.72
CA HIS A 78 36.99 -9.10 -13.95
C HIS A 78 37.26 -10.31 -13.06
N TYR A 79 38.52 -10.69 -12.89
CA TYR A 79 38.84 -11.93 -12.17
C TYR A 79 40.30 -11.99 -11.73
N LYS A 80 40.60 -12.90 -10.80
CA LYS A 80 41.99 -13.18 -10.41
C LYS A 80 42.15 -14.69 -10.33
N LEU A 81 43.39 -15.17 -10.38
CA LEU A 81 43.66 -16.60 -10.26
C LEU A 81 43.75 -17.01 -8.79
N ASN A 82 42.82 -17.86 -8.34
CA ASN A 82 42.74 -18.26 -6.93
C ASN A 82 43.86 -19.21 -6.53
N GLN A 83 43.87 -19.57 -5.25
CA GLN A 83 44.94 -20.40 -4.67
C GLN A 83 45.07 -21.81 -5.28
N VAL A 84 44.19 -22.17 -6.21
CA VAL A 84 44.27 -23.47 -6.91
C VAL A 84 44.80 -23.27 -8.33
N GLY A 85 44.99 -22.01 -8.72
CA GLY A 85 45.43 -21.68 -10.06
C GLY A 85 44.26 -21.49 -11.02
N GLU A 86 43.04 -21.61 -10.49
CA GLU A 86 41.84 -21.52 -11.32
C GLU A 86 41.13 -20.19 -11.05
N LYS A 87 41.04 -19.35 -12.08
CA LYS A 87 40.52 -18.00 -11.94
C LYS A 87 39.16 -17.92 -11.22
N GLU A 88 39.04 -16.96 -10.32
CA GLU A 88 37.77 -16.67 -9.66
C GLU A 88 37.38 -15.23 -9.99
N TYR A 89 36.08 -14.98 -10.12
CA TYR A 89 35.58 -13.66 -10.47
C TYR A 89 35.70 -12.66 -9.32
N SER A 90 35.99 -11.41 -9.67
CA SER A 90 36.06 -10.31 -8.70
C SER A 90 34.76 -9.48 -8.74
N THR A 91 34.24 -9.18 -7.56
CA THR A 91 33.09 -8.31 -7.39
C THR A 91 33.04 -7.08 -8.32
N ILE A 92 31.91 -6.92 -8.99
CA ILE A 92 31.70 -5.72 -9.79
C ILE A 92 31.27 -4.61 -8.85
N SER A 93 31.99 -3.50 -8.85
CA SER A 93 31.74 -2.45 -7.88
C SER A 93 30.88 -1.34 -8.50
N ASP A 94 31.02 -1.09 -9.79
CA ASP A 94 30.17 -0.11 -10.42
C ASP A 94 30.18 -0.32 -11.93
N LEU A 95 29.24 0.30 -12.60
CA LEU A 95 29.24 0.30 -14.06
C LEU A 95 28.30 1.37 -14.55
N CYS A 96 28.55 1.84 -15.76
CA CYS A 96 27.68 2.85 -16.34
C CYS A 96 27.89 2.82 -17.84
N PHE A 97 26.81 3.07 -18.57
CA PHE A 97 26.87 3.10 -20.03
C PHE A 97 27.37 4.45 -20.51
N SER A 98 28.09 4.43 -21.63
CA SER A 98 28.61 5.64 -22.23
C SER A 98 27.51 6.55 -22.73
N LYS A 99 27.75 7.86 -22.72
CA LYS A 99 26.74 8.82 -23.18
C LYS A 99 26.47 8.66 -24.69
N GLY A 100 27.44 8.12 -25.43
CA GLY A 100 27.27 7.86 -26.86
C GLY A 100 26.57 6.52 -27.15
N ASN A 101 26.20 5.81 -26.09
CA ASN A 101 25.44 4.55 -26.22
C ASN A 101 26.20 3.39 -26.85
N LEU A 102 27.49 3.52 -27.10
CA LEU A 102 28.23 2.42 -27.73
C LEU A 102 28.89 1.49 -26.72
N PHE A 103 29.26 2.02 -25.56
CA PHE A 103 30.16 1.29 -24.67
C PHE A 103 29.63 1.18 -23.25
N LEU A 104 30.11 0.16 -22.55
CA LEU A 104 29.83 -0.02 -21.13
C LEU A 104 31.15 0.07 -20.34
N TYR A 105 31.16 0.89 -19.29
CA TYR A 105 32.33 1.01 -18.41
C TYR A 105 32.11 0.25 -17.10
N THR A 106 33.06 -0.61 -16.71
CA THR A 106 32.92 -1.35 -15.45
C THR A 106 34.14 -1.22 -14.54
N GLY A 107 33.88 -1.35 -13.23
CA GLY A 107 34.93 -1.32 -12.21
C GLY A 107 34.80 -2.55 -11.32
N ALA A 108 35.91 -3.04 -10.80
CA ALA A 108 35.83 -4.23 -9.97
C ALA A 108 36.98 -4.33 -8.95
N PHE A 109 36.90 -5.40 -8.18
CA PHE A 109 37.83 -5.68 -7.11
C PHE A 109 39.10 -6.37 -7.65
N ASP A 110 39.26 -6.39 -8.96
CA ASP A 110 40.55 -6.74 -9.56
C ASP A 110 41.45 -5.51 -9.81
N ASN A 111 41.00 -4.33 -9.35
CA ASN A 111 41.76 -3.09 -9.55
C ASN A 111 41.75 -2.52 -10.96
N ALA A 112 40.80 -2.94 -11.81
CA ALA A 112 40.82 -2.52 -13.21
C ALA A 112 39.55 -1.80 -13.63
N VAL A 113 39.66 -0.79 -14.49
CA VAL A 113 38.51 -0.28 -15.19
C VAL A 113 38.50 -0.89 -16.62
N LYS A 114 37.39 -1.48 -17.05
CA LYS A 114 37.28 -2.04 -18.40
C LYS A 114 36.18 -1.36 -19.23
N VAL A 115 36.36 -1.42 -20.54
CA VAL A 115 35.46 -0.80 -21.49
C VAL A 115 35.00 -1.88 -22.49
N TRP A 116 33.67 -2.11 -22.58
CA TRP A 116 33.13 -3.17 -23.42
C TRP A 116 32.22 -2.62 -24.52
N ASP A 117 32.22 -3.22 -25.71
CA ASP A 117 31.27 -2.79 -26.72
C ASP A 117 29.97 -3.59 -26.55
N MET A 118 28.95 -3.26 -27.32
CA MET A 118 27.66 -3.88 -27.09
C MET A 118 27.60 -5.36 -27.50
N GLU A 119 28.70 -5.92 -28.03
CA GLU A 119 28.71 -7.37 -28.30
C GLU A 119 29.59 -8.15 -27.33
N GLY A 120 30.04 -7.48 -26.29
CA GLY A 120 30.81 -8.10 -25.23
C GLY A 120 32.31 -8.12 -25.47
N ASN A 121 32.77 -7.42 -26.51
CA ASN A 121 34.18 -7.33 -26.80
C ASN A 121 34.84 -6.33 -25.87
N LEU A 122 35.99 -6.68 -25.31
CA LEU A 122 36.77 -5.74 -24.50
C LEU A 122 37.48 -4.77 -25.42
N CYS A 123 37.18 -3.47 -25.29
CA CYS A 123 37.77 -2.43 -26.14
C CYS A 123 38.85 -1.58 -25.44
N GLY A 124 38.81 -1.50 -24.12
CA GLY A 124 39.72 -0.64 -23.40
C GLY A 124 39.96 -1.11 -22.00
N ILE A 125 41.09 -0.72 -21.42
CA ILE A 125 41.40 -1.14 -20.07
C ILE A 125 42.29 -0.14 -19.39
N PHE A 126 42.03 0.13 -18.11
CA PHE A 126 42.89 1.02 -17.32
C PHE A 126 43.45 0.23 -16.14
N ASN A 127 44.77 0.00 -16.15
CA ASN A 127 45.46 -0.88 -15.20
C ASN A 127 46.26 -0.17 -14.10
N ALA A 128 46.39 1.15 -14.19
CA ALA A 128 47.17 1.89 -13.19
C ALA A 128 46.71 1.71 -11.73
N PRO A 129 45.39 1.59 -11.48
CA PRO A 129 45.01 1.53 -10.07
C PRO A 129 45.66 0.36 -9.31
N THR A 130 46.00 0.57 -8.04
CA THR A 130 46.71 -0.43 -7.25
C THR A 130 45.82 -1.11 -6.20
N ASP A 131 44.53 -0.78 -6.20
CA ASP A 131 43.62 -1.41 -5.23
C ASP A 131 42.21 -1.39 -5.85
N TYR A 132 41.23 -1.96 -5.15
CA TYR A 132 39.87 -2.09 -5.69
C TYR A 132 39.36 -0.78 -6.27
N ILE A 133 38.65 -0.90 -7.39
CA ILE A 133 37.81 0.19 -7.85
C ILE A 133 36.55 0.20 -6.97
N HIS A 134 36.17 1.35 -6.43
CA HIS A 134 34.92 1.45 -5.62
C HIS A 134 33.72 2.16 -6.27
N LYS A 135 33.97 3.14 -7.15
CA LYS A 135 32.85 3.89 -7.77
C LYS A 135 33.21 4.49 -9.13
N LEU A 136 32.21 4.65 -9.97
CA LEU A 136 32.37 5.35 -11.24
C LEU A 136 31.36 6.48 -11.39
N ALA A 137 31.76 7.54 -12.07
CA ALA A 137 30.86 8.62 -12.46
C ALA A 137 31.20 8.99 -13.88
N LEU A 138 30.22 9.59 -14.58
CA LEU A 138 30.35 9.95 -15.99
C LEU A 138 29.83 11.38 -16.26
N SER A 139 30.63 12.19 -16.93
CA SER A 139 30.26 13.58 -17.17
C SER A 139 29.33 13.68 -18.35
N ASP A 140 28.78 14.88 -18.58
CA ASP A 140 27.93 15.12 -19.73
C ASP A 140 28.66 14.83 -21.04
N ASP A 141 29.99 15.00 -21.03
CA ASP A 141 30.81 14.74 -22.23
C ASP A 141 31.54 13.41 -22.18
N ASP A 142 30.97 12.44 -21.44
CA ASP A 142 31.49 11.07 -21.38
C ASP A 142 32.89 10.92 -20.74
N LEU A 143 33.33 11.91 -19.96
CA LEU A 143 34.55 11.77 -19.15
C LEU A 143 34.23 10.85 -18.00
N LEU A 144 35.09 9.88 -17.75
CA LEU A 144 34.83 8.88 -16.71
C LEU A 144 35.64 9.13 -15.42
N ALA A 145 34.96 9.32 -14.29
CA ALA A 145 35.68 9.50 -13.03
C ALA A 145 35.71 8.19 -12.28
N VAL A 146 36.85 7.91 -11.66
CA VAL A 146 37.08 6.64 -11.02
C VAL A 146 37.48 6.88 -9.57
N ALA A 147 36.82 6.21 -8.62
CA ALA A 147 37.23 6.31 -7.22
C ALA A 147 37.87 4.99 -6.78
N CYS A 148 39.11 5.07 -6.32
CA CYS A 148 39.90 3.88 -6.03
C CYS A 148 40.20 3.74 -4.54
N LYS A 149 40.25 2.50 -4.08
CA LYS A 149 40.54 2.18 -2.69
C LYS A 149 41.91 2.70 -2.27
N ASN A 150 42.84 2.88 -3.23
CA ASN A 150 44.18 3.36 -2.88
C ASN A 150 44.19 4.82 -2.46
N GLY A 151 43.04 5.49 -2.54
CA GLY A 151 42.95 6.88 -2.15
C GLY A 151 43.00 7.88 -3.29
N TYR A 152 43.34 7.41 -4.49
CA TYR A 152 43.26 8.25 -5.69
C TYR A 152 41.88 8.22 -6.36
N GLY A 153 41.48 9.37 -6.94
CA GLY A 153 40.53 9.38 -8.04
C GLY A 153 41.28 9.44 -9.40
N TYR A 154 40.64 8.96 -10.45
CA TYR A 154 41.19 9.11 -11.80
C TYR A 154 40.11 9.68 -12.73
N LEU A 155 40.52 10.47 -13.72
CA LEU A 155 39.65 10.91 -14.80
C LEU A 155 40.16 10.27 -16.10
N LEU A 156 39.28 9.57 -16.82
CA LEU A 156 39.66 8.87 -18.04
C LEU A 156 38.83 9.30 -19.24
N SER A 157 39.46 9.54 -20.39
CA SER A 157 38.68 9.76 -21.60
C SER A 157 38.83 8.59 -22.55
N THR A 158 37.84 8.39 -23.41
CA THR A 158 37.82 7.22 -24.30
C THR A 158 37.49 7.62 -25.73
N ASP A 159 38.10 6.94 -26.70
CA ASP A 159 37.74 7.18 -28.10
C ASP A 159 36.26 6.96 -28.34
N ASN A 160 35.61 7.92 -28.99
CA ASN A 160 34.16 7.89 -29.20
C ASN A 160 33.68 6.72 -30.06
N SER A 161 34.53 6.28 -30.97
CA SER A 161 34.14 5.23 -31.88
C SER A 161 34.79 3.87 -31.59
N THR A 162 35.97 3.87 -30.95
CA THR A 162 36.66 2.60 -30.69
C THR A 162 36.62 2.10 -29.22
N GLY A 163 36.43 3.03 -28.27
CA GLY A 163 36.36 2.62 -26.86
C GLY A 163 37.72 2.61 -26.17
N GLU A 164 38.79 2.81 -26.95
CA GLU A 164 40.13 2.78 -26.38
C GLU A 164 40.31 3.95 -25.39
N ILE A 165 40.92 3.66 -24.25
CA ILE A 165 41.31 4.68 -23.26
C ILE A 165 42.38 5.63 -23.85
N LEU A 166 42.06 6.91 -23.95
CA LEU A 166 42.95 7.90 -24.58
C LEU A 166 43.82 8.73 -23.63
N THR A 167 43.23 9.15 -22.51
CA THR A 167 43.92 10.02 -21.55
C THR A 167 43.60 9.58 -20.14
N SER A 168 44.50 9.89 -19.21
CA SER A 168 44.20 9.70 -17.80
C SER A 168 44.81 10.84 -16.99
N ALA A 169 44.16 11.13 -15.86
CA ALA A 169 44.61 12.18 -14.94
C ALA A 169 44.34 11.73 -13.52
N ASN A 170 45.29 12.00 -12.63
CA ASN A 170 45.18 11.59 -11.24
C ASN A 170 44.55 12.73 -10.44
N LEU A 171 43.60 12.38 -9.57
CA LEU A 171 43.01 13.33 -8.64
C LEU A 171 43.53 12.99 -7.24
N ILE A 172 44.40 13.85 -6.73
CA ILE A 172 45.25 13.54 -5.59
C ILE A 172 44.96 14.55 -4.49
N TYR A 173 44.60 14.07 -3.30
CA TYR A 173 44.41 14.95 -2.14
C TYR A 173 45.42 14.45 -1.13
N PRO A 174 46.61 15.06 -1.10
CA PRO A 174 47.74 14.51 -0.33
C PRO A 174 47.44 14.26 1.13
N GLU A 175 46.71 15.16 1.79
CA GLU A 175 46.39 14.99 3.20
C GLU A 175 45.51 13.73 3.46
N ALA A 176 44.53 13.50 2.59
CA ALA A 176 43.77 12.25 2.63
C ALA A 176 44.72 11.07 2.48
N LEU A 177 45.63 11.16 1.50
CA LEU A 177 46.53 10.03 1.28
C LEU A 177 47.44 9.79 2.48
N GLU A 178 47.93 10.85 3.12
CA GLU A 178 48.75 10.70 4.33
C GLU A 178 48.01 9.90 5.39
N LYS A 179 46.70 10.15 5.48
CA LYS A 179 45.87 9.51 6.50
C LYS A 179 45.41 8.11 6.09
N GLY A 180 45.83 7.65 4.92
CA GLY A 180 45.48 6.31 4.45
C GLY A 180 44.00 6.11 4.09
N TYR A 181 43.30 7.19 3.74
CA TYR A 181 41.90 7.10 3.34
C TYR A 181 41.68 6.42 1.99
N SER A 182 40.50 5.85 1.82
CA SER A 182 40.11 5.26 0.52
C SER A 182 39.16 6.22 -0.16
N ALA A 183 39.29 6.37 -1.47
CA ALA A 183 38.31 7.13 -2.23
C ALA A 183 37.21 6.16 -2.60
N SER A 184 36.01 6.40 -2.08
CA SER A 184 34.92 5.45 -2.27
C SER A 184 33.63 5.99 -2.90
N LEU A 185 33.52 7.30 -3.08
CA LEU A 185 32.34 7.92 -3.71
C LEU A 185 32.80 8.95 -4.70
N ILE A 186 32.06 9.15 -5.78
CA ILE A 186 32.50 10.14 -6.78
C ILE A 186 31.33 10.60 -7.64
N GLU A 187 31.25 11.91 -7.89
CA GLU A 187 30.21 12.49 -8.75
C GLU A 187 30.74 13.74 -9.47
N PHE A 188 30.28 13.95 -10.70
CA PHE A 188 30.50 15.23 -11.35
C PHE A 188 29.48 16.27 -10.95
N SER A 189 29.84 17.55 -11.06
CA SER A 189 28.91 18.61 -10.73
C SER A 189 29.14 19.84 -11.62
N ASN A 190 28.08 20.39 -12.21
CA ASN A 190 28.21 21.62 -13.02
C ASN A 190 26.96 22.52 -13.03
N PHE A 191 26.08 22.33 -12.07
CA PHE A 191 24.95 23.27 -11.89
C PHE A 191 24.14 23.35 -13.19
N LEU A 192 23.76 22.15 -13.65
CA LEU A 192 22.97 21.96 -14.88
C LEU A 192 23.60 22.65 -16.08
N GLY A 193 24.92 22.50 -16.24
CA GLY A 193 25.59 23.06 -17.41
C GLY A 193 25.87 24.56 -17.37
N ARG A 194 25.53 25.22 -16.26
CA ARG A 194 25.78 26.65 -16.14
C ARG A 194 27.16 27.02 -15.60
N SER A 195 27.94 26.05 -15.13
CA SER A 195 29.29 26.27 -14.62
C SER A 195 30.26 25.24 -15.23
N SER A 196 31.55 25.32 -14.88
CA SER A 196 32.52 24.30 -15.35
C SER A 196 32.42 23.02 -14.50
N ASP A 197 32.90 21.90 -15.04
CA ASP A 197 32.81 20.61 -14.35
C ASP A 197 33.72 20.51 -13.13
N LYS A 198 33.16 20.08 -12.00
CA LYS A 198 33.95 19.77 -10.81
C LYS A 198 33.67 18.29 -10.46
N VAL A 199 34.55 17.71 -9.65
CA VAL A 199 34.47 16.30 -9.28
C VAL A 199 34.46 16.29 -7.76
N ILE A 200 33.41 15.69 -7.20
CA ILE A 200 33.28 15.55 -5.77
C ILE A 200 33.79 14.15 -5.42
N ILE A 201 34.66 14.04 -4.43
CA ILE A 201 35.11 12.73 -3.99
C ILE A 201 34.88 12.51 -2.49
N GLY A 202 34.33 11.36 -2.15
CA GLY A 202 34.06 11.04 -0.76
C GLY A 202 35.04 9.99 -0.33
N TYR A 203 35.63 10.17 0.87
CA TYR A 203 36.62 9.24 1.38
C TYR A 203 36.13 8.50 2.63
N ASP A 204 36.60 7.27 2.80
CA ASP A 204 36.33 6.53 4.03
C ASP A 204 37.62 5.80 4.44
N SER A 205 37.59 5.01 5.49
CA SER A 205 38.82 4.41 6.02
C SER A 205 38.65 2.95 6.44
N PHE A 206 39.32 2.04 5.74
CA PHE A 206 39.24 0.62 6.07
C PHE A 206 40.27 0.18 7.11
N HIS A 207 41.32 0.99 7.28
CA HIS A 207 42.30 0.77 8.33
C HIS A 207 41.73 1.21 9.69
N THR A 208 40.52 1.75 9.67
CA THR A 208 39.73 2.03 10.88
C THR A 208 40.59 2.17 12.13
N ASN A 211 35.75 5.23 11.90
CA ASN A 211 34.81 5.95 11.04
C ASN A 211 35.37 7.32 10.63
N ARG A 212 36.49 7.32 9.90
CA ARG A 212 37.11 8.55 9.40
C ARG A 212 37.06 8.61 7.88
N GLY A 213 37.41 9.77 7.35
CA GLY A 213 37.30 10.04 5.93
C GLY A 213 37.11 11.53 5.76
N CYS A 214 36.61 11.92 4.60
CA CYS A 214 36.33 13.33 4.32
C CYS A 214 35.66 13.48 2.95
N LEU A 215 35.29 14.72 2.62
CA LEU A 215 34.65 15.04 1.36
C LEU A 215 35.43 16.20 0.70
N ALA A 216 35.91 15.98 -0.54
CA ALA A 216 36.74 16.98 -1.23
C ALA A 216 36.23 17.34 -2.61
N LEU A 217 36.70 18.46 -3.15
CA LEU A 217 36.30 18.90 -4.47
C LEU A 217 37.51 19.06 -5.37
N PHE A 218 37.36 18.69 -6.64
CA PHE A 218 38.43 18.85 -7.65
C PHE A 218 37.88 19.60 -8.89
N ASP A 219 38.76 20.32 -9.60
CA ASP A 219 38.37 20.90 -10.88
C ASP A 219 38.65 19.86 -11.97
N ALA A 220 37.67 19.57 -12.82
CA ALA A 220 37.87 18.50 -13.81
C ALA A 220 38.77 18.87 -14.99
N SER A 221 38.71 20.10 -15.49
CA SER A 221 39.53 20.42 -16.67
C SER A 221 41.03 20.54 -16.31
N THR A 222 41.35 20.96 -15.09
CA THR A 222 42.73 20.97 -14.64
C THR A 222 43.09 19.74 -13.80
N ALA A 223 42.08 18.96 -13.40
CA ALA A 223 42.33 17.83 -12.52
C ALA A 223 43.04 18.23 -11.22
N SER A 224 42.76 19.42 -10.71
CA SER A 224 43.45 19.89 -9.51
C SER A 224 42.52 19.94 -8.29
N PHE A 225 43.12 19.75 -7.12
CA PHE A 225 42.39 19.90 -5.86
C PHE A 225 41.88 21.32 -5.69
N VAL A 226 40.64 21.48 -5.24
CA VAL A 226 40.07 22.79 -5.01
C VAL A 226 39.84 23.08 -3.53
N GLN A 227 39.19 22.16 -2.80
CA GLN A 227 38.89 22.39 -1.39
C GLN A 227 38.46 21.10 -0.65
N LYS A 228 38.66 21.10 0.66
CA LYS A 228 37.96 20.15 1.53
C LYS A 228 36.62 20.80 1.94
N PHE A 229 35.52 20.07 1.83
CA PHE A 229 34.25 20.59 2.33
C PHE A 229 34.35 20.66 3.87
N ASN A 230 33.66 21.63 4.45
CA ASN A 230 33.82 21.87 5.90
C ASN A 230 32.99 20.90 6.73
N THR A 231 33.51 19.68 6.96
CA THR A 231 32.95 18.73 7.91
C THR A 231 34.09 18.16 8.72
N ALA A 232 33.78 17.51 9.83
CA ALA A 232 34.79 16.72 10.53
C ALA A 232 35.29 15.59 9.63
N ASP A 233 36.38 14.92 10.04
CA ASP A 233 36.81 13.70 9.34
C ASP A 233 35.90 12.55 9.76
N GLU A 234 35.12 12.05 8.79
CA GLU A 234 34.04 11.10 9.00
C GLU A 234 34.00 10.23 7.72
N ALA A 235 33.51 9.01 7.85
CA ALA A 235 33.47 8.07 6.73
C ALA A 235 32.23 8.32 5.90
N PHE A 236 32.41 8.85 4.70
CA PHE A 236 31.30 9.13 3.82
C PHE A 236 30.85 7.88 3.11
N THR A 237 29.52 7.72 3.07
CA THR A 237 28.89 6.50 2.64
C THR A 237 28.03 6.69 1.39
N SER A 238 27.59 7.91 1.11
CA SER A 238 26.68 8.06 -0.01
C SER A 238 26.60 9.51 -0.50
N LEU A 239 26.45 9.69 -1.81
CA LEU A 239 26.39 11.02 -2.46
C LEU A 239 25.22 10.98 -3.40
N TYR A 240 24.40 12.03 -3.38
CA TYR A 240 23.23 12.04 -4.25
C TYR A 240 23.01 13.46 -4.77
N MET A 241 23.00 13.62 -6.10
CA MET A 241 22.81 14.93 -6.73
C MET A 241 21.32 15.13 -7.13
N HIS A 242 20.72 16.25 -6.72
CA HIS A 242 19.37 16.54 -7.16
C HIS A 242 19.31 16.65 -8.68
N PRO A 243 18.20 16.19 -9.28
CA PRO A 243 18.04 16.22 -10.75
C PRO A 243 18.14 17.64 -11.33
N SER A 244 17.92 18.66 -10.50
CA SER A 244 18.07 20.05 -10.95
C SER A 244 19.52 20.49 -10.86
N GLN A 245 20.34 19.65 -10.23
CA GLN A 245 21.76 19.90 -10.00
C GLN A 245 22.04 21.21 -9.23
N VAL A 246 21.06 21.71 -8.48
CA VAL A 246 21.29 22.90 -7.63
C VAL A 246 21.99 22.52 -6.32
N GLY A 247 21.97 21.24 -5.98
CA GLY A 247 22.55 20.81 -4.72
C GLY A 247 22.63 19.29 -4.60
N PHE A 248 23.42 18.83 -3.63
CA PHE A 248 23.56 17.41 -3.40
C PHE A 248 23.64 17.13 -1.91
N VAL A 249 23.34 15.89 -1.53
CA VAL A 249 23.52 15.48 -0.15
C VAL A 249 24.65 14.47 -0.10
N ALA A 250 25.35 14.44 1.03
CA ALA A 250 26.35 13.45 1.32
C ALA A 250 26.12 12.94 2.72
N SER A 251 26.17 11.63 2.91
CA SER A 251 25.99 11.08 4.25
C SER A 251 27.30 10.49 4.77
N SER A 252 27.49 10.53 6.08
CA SER A 252 28.64 9.87 6.67
C SER A 252 28.27 9.11 7.95
N ASN A 253 29.13 8.15 8.32
CA ASN A 253 29.10 7.52 9.63
C ASN A 253 30.19 8.17 10.48
N THR A 254 29.92 8.36 11.79
CA THR A 254 30.84 9.06 12.69
C THR A 254 31.20 8.13 13.85
N LEU A 255 31.93 8.61 14.84
CA LEU A 255 32.23 7.75 15.97
C LEU A 255 30.92 7.32 16.68
N SER A 256 29.98 8.23 16.78
CA SER A 256 28.65 7.93 17.28
C SER A 256 27.62 7.70 16.17
N ASN A 257 26.72 8.63 15.96
CA ASN A 257 25.62 8.55 15.07
C ASN A 257 25.97 8.93 13.64
N GLY A 258 25.05 8.83 12.75
CA GLY A 258 25.25 9.23 11.38
C GLY A 258 24.90 10.67 11.13
N ARG A 259 25.43 11.22 10.07
CA ARG A 259 25.10 12.58 9.64
C ARG A 259 24.79 12.69 8.15
N VAL A 260 23.93 13.64 7.79
CA VAL A 260 23.69 13.97 6.39
C VAL A 260 23.89 15.45 6.17
N TYR A 261 24.65 15.75 5.11
CA TYR A 261 24.90 17.13 4.72
C TYR A 261 24.19 17.49 3.44
N TYR A 262 23.74 18.74 3.36
CA TYR A 262 23.17 19.30 2.14
C TYR A 262 24.15 20.34 1.65
N LEU A 263 24.61 20.22 0.40
CA LEU A 263 25.63 21.11 -0.14
C LEU A 263 25.12 21.82 -1.38
N ASP A 264 25.37 23.13 -1.44
CA ASP A 264 24.90 23.95 -2.55
C ASP A 264 25.92 23.96 -3.67
N THR A 265 25.45 23.85 -4.91
CA THR A 265 26.31 23.77 -6.09
C THR A 265 26.81 25.13 -6.64
N ARG A 266 26.40 26.26 -6.08
CA ARG A 266 26.93 27.56 -6.52
C ARG A 266 28.12 27.91 -5.64
N MET A 267 27.87 27.90 -4.34
CA MET A 267 28.89 28.19 -3.35
C MET A 267 29.82 26.99 -3.11
N TYR A 268 29.39 25.79 -3.49
CA TYR A 268 30.03 24.56 -3.00
C TYR A 268 30.35 24.72 -1.54
N LYS A 269 29.30 24.86 -0.75
CA LYS A 269 29.42 25.04 0.68
C LYS A 269 28.38 24.13 1.37
N VAL A 270 28.69 23.69 2.59
CA VAL A 270 27.71 22.92 3.35
C VAL A 270 26.68 23.92 3.81
N CYS A 271 25.42 23.67 3.48
CA CYS A 271 24.35 24.61 3.78
C CYS A 271 23.50 24.14 4.96
N LEU A 272 23.14 22.86 4.95
CA LEU A 272 22.31 22.29 6.01
C LEU A 272 22.93 20.98 6.46
N ASN A 273 22.70 20.62 7.71
CA ASN A 273 23.10 19.31 8.17
C ASN A 273 22.02 18.70 9.05
N PHE A 274 21.99 17.38 9.10
CA PHE A 274 21.00 16.65 9.89
C PHE A 274 21.77 15.57 10.64
N THR A 275 21.27 15.21 11.80
CA THR A 275 21.86 14.14 12.55
C THR A 275 20.81 13.05 12.77
N THR A 276 21.29 11.83 12.80
CA THR A 276 20.40 10.68 12.94
C THR A 276 21.03 9.74 13.93
N THR A 277 20.20 8.95 14.59
CA THR A 277 20.69 7.91 15.48
C THR A 277 21.20 6.65 14.76
N GLN A 278 20.93 6.53 13.47
CA GLN A 278 21.44 5.41 12.69
C GLN A 278 22.96 5.32 12.75
N LYS A 279 23.47 4.15 13.08
CA LYS A 279 24.90 3.98 13.22
C LYS A 279 25.59 3.66 11.89
N ASP A 280 24.81 3.29 10.87
CA ASP A 280 25.38 2.98 9.56
C ASP A 280 24.43 3.43 8.46
N ILE A 281 24.74 4.54 7.80
CA ILE A 281 23.87 5.03 6.74
C ILE A 281 24.32 4.43 5.39
N ASN A 282 23.38 3.75 4.71
CA ASN A 282 23.64 3.17 3.40
C ASN A 282 23.37 4.19 2.27
N HIS A 283 22.29 4.96 2.38
CA HIS A 283 21.86 5.83 1.27
C HIS A 283 21.19 7.10 1.79
N ALA A 284 21.61 8.25 1.26
CA ALA A 284 20.90 9.50 1.50
C ALA A 284 20.34 10.02 0.18
N THR A 285 19.17 10.67 0.20
CA THR A 285 18.65 11.28 -1.03
C THR A 285 18.06 12.67 -0.76
N ILE A 286 17.71 13.35 -1.85
CA ILE A 286 16.87 14.54 -1.76
C ILE A 286 15.64 14.24 -2.59
N SER A 287 14.47 14.68 -2.15
CA SER A 287 13.25 14.51 -2.94
C SER A 287 13.32 15.23 -4.28
N ASN A 288 12.52 14.78 -5.24
CA ASN A 288 12.41 15.49 -6.51
C ASN A 288 11.91 16.92 -6.32
N SER A 289 11.07 17.15 -5.30
CA SER A 289 10.57 18.50 -4.99
C SER A 289 11.71 19.40 -4.51
N GLY A 290 12.78 18.78 -4.01
CA GLY A 290 13.99 19.49 -3.62
C GLY A 290 14.01 19.85 -2.14
N ILE A 291 12.91 19.55 -1.45
CA ILE A 291 12.69 20.00 -0.07
C ILE A 291 12.90 18.93 1.00
N LEU A 292 12.79 17.65 0.65
CA LEU A 292 12.96 16.62 1.68
C LEU A 292 14.30 15.94 1.50
N VAL A 293 14.82 15.47 2.63
CA VAL A 293 16.08 14.77 2.71
C VAL A 293 15.83 13.47 3.46
N THR A 294 16.50 12.40 3.03
CA THR A 294 16.26 11.07 3.62
C THR A 294 17.58 10.41 4.00
N SER A 295 17.50 9.47 4.93
CA SER A 295 18.67 8.70 5.36
C SER A 295 18.22 7.25 5.64
N SER A 296 18.65 6.32 4.81
CA SER A 296 18.23 4.92 4.96
C SER A 296 19.39 4.11 5.49
N GLY A 297 19.12 3.30 6.52
CA GLY A 297 20.24 2.65 7.19
C GLY A 297 20.18 1.16 7.30
N THR A 298 21.21 0.63 7.94
CA THR A 298 21.29 -0.79 8.26
C THR A 298 20.29 -1.16 9.35
N ASP A 299 19.67 -0.15 9.97
CA ASP A 299 18.54 -0.40 10.89
C ASP A 299 17.24 -0.75 10.20
N ASN A 300 17.29 -0.84 8.87
CA ASN A 300 16.11 -1.18 8.11
C ASN A 300 15.02 -0.12 8.23
N GLN A 301 15.38 1.15 8.35
CA GLN A 301 14.36 2.21 8.29
C GLN A 301 14.98 3.45 7.70
N THR A 302 14.13 4.38 7.25
CA THR A 302 14.59 5.62 6.60
C THR A 302 14.07 6.81 7.37
N PHE A 303 14.97 7.66 7.86
CA PHE A 303 14.57 8.93 8.46
C PHE A 303 14.34 9.96 7.34
N VAL A 304 13.31 10.80 7.49
CA VAL A 304 13.02 11.84 6.51
C VAL A 304 12.90 13.20 7.20
N TRP A 305 13.46 14.25 6.57
CA TRP A 305 13.43 15.61 7.09
C TRP A 305 12.87 16.56 6.06
N ASP A 306 12.15 17.57 6.53
CA ASP A 306 11.76 18.70 5.73
C ASP A 306 12.86 19.70 5.90
N SER A 307 13.57 20.02 4.82
CA SER A 307 14.79 20.82 4.93
C SER A 307 14.52 22.23 5.52
N ARG A 308 13.26 22.65 5.52
CA ARG A 308 12.90 23.99 6.01
C ARG A 308 12.64 23.99 7.52
N LYS A 309 12.62 22.79 8.10
CA LYS A 309 12.57 22.59 9.55
C LYS A 309 13.43 21.40 9.91
N PRO A 310 14.75 21.54 9.77
CA PRO A 310 15.66 20.39 9.86
C PRO A 310 15.88 19.88 11.28
N ASP A 311 15.23 20.50 12.27
CA ASP A 311 15.45 20.19 13.68
C ASP A 311 15.16 18.73 14.07
N LYS A 312 13.99 18.24 13.68
CA LYS A 312 13.60 16.86 13.96
C LYS A 312 13.08 16.18 12.69
N PRO A 313 13.19 14.86 12.63
CA PRO A 313 12.67 14.10 11.49
C PRO A 313 11.22 14.45 11.22
N LEU A 314 10.82 14.40 9.96
CA LEU A 314 9.41 14.59 9.66
C LEU A 314 8.71 13.24 9.79
N SER A 315 9.43 12.18 9.45
CA SER A 315 8.83 10.86 9.51
C SER A 315 9.90 9.79 9.58
N LEU A 316 9.45 8.59 9.91
CA LEU A 316 10.30 7.43 10.02
C LEU A 316 9.61 6.28 9.29
N LEU A 317 10.25 5.84 8.21
CA LEU A 317 9.64 4.88 7.29
C LEU A 317 10.27 3.51 7.52
N LYS A 318 9.53 2.61 8.17
CA LYS A 318 10.10 1.37 8.67
C LYS A 318 9.87 0.15 7.76
N HIS A 319 10.86 -0.74 7.70
CA HIS A 319 10.61 -2.05 7.14
C HIS A 319 10.46 -3.07 8.25
N GLY A 320 10.16 -4.31 7.88
CA GLY A 320 9.87 -5.34 8.85
C GLY A 320 11.06 -6.20 9.20
N LYS A 321 10.78 -7.29 9.90
CA LYS A 321 11.84 -8.16 10.40
C LYS A 321 12.60 -8.75 9.23
N THR A 322 13.89 -8.93 9.42
CA THR A 322 14.78 -9.37 8.35
C THR A 322 14.42 -10.78 7.92
N LYS A 323 14.62 -11.07 6.64
CA LYS A 323 14.42 -12.41 6.12
C LYS A 323 15.69 -13.24 6.29
N MET A 324 16.79 -12.57 6.64
CA MET A 324 18.08 -13.24 6.78
C MET A 324 18.12 -14.08 8.06
N ALA A 337 21.88 -6.07 6.53
CA ALA A 337 22.35 -4.73 6.17
C ALA A 337 21.21 -3.75 5.86
N GLY A 338 19.98 -4.07 6.27
CA GLY A 338 18.93 -3.07 6.26
C GLY A 338 18.52 -2.53 4.90
N ILE A 339 18.44 -1.22 4.75
CA ILE A 339 17.91 -0.65 3.52
C ILE A 339 18.97 -0.57 2.40
N ASN A 340 18.79 -1.33 1.30
CA ASN A 340 19.74 -1.31 0.17
C ASN A 340 19.19 -0.70 -1.12
N MET A 341 17.95 -0.26 -1.07
CA MET A 341 17.32 0.41 -2.19
C MET A 341 16.58 1.65 -1.69
N ALA A 342 16.86 2.81 -2.27
CA ALA A 342 16.17 4.03 -1.88
C ALA A 342 16.19 5.03 -3.02
N GLN A 343 15.05 5.22 -3.68
CA GLN A 343 14.98 6.08 -4.87
C GLN A 343 13.64 6.75 -4.99
N TRP A 344 13.66 7.97 -5.50
CA TRP A 344 12.46 8.65 -5.93
C TRP A 344 12.10 8.24 -7.34
N GLN A 345 10.81 7.91 -7.50
CA GLN A 345 10.22 7.64 -8.80
C GLN A 345 10.65 8.71 -9.80
N PRO A 346 11.35 8.31 -10.86
CA PRO A 346 11.70 9.41 -11.76
C PRO A 346 10.43 10.05 -12.33
N LYS A 347 10.45 11.37 -12.46
CA LYS A 347 9.36 12.10 -13.08
C LYS A 347 8.12 12.18 -12.16
N GLY A 348 8.21 11.61 -10.96
CA GLY A 348 7.09 11.59 -10.01
C GLY A 348 7.45 12.14 -8.64
N ASN A 349 6.60 11.85 -7.66
CA ASN A 349 6.83 12.29 -6.28
C ASN A 349 6.82 11.17 -5.24
N LEU A 350 6.67 9.93 -5.67
CA LEU A 350 6.70 8.83 -4.72
C LEU A 350 8.13 8.38 -4.39
N PHE A 351 8.32 7.92 -3.16
CA PHE A 351 9.61 7.42 -2.69
C PHE A 351 9.49 5.90 -2.57
N VAL A 352 10.56 5.21 -2.93
CA VAL A 352 10.57 3.76 -2.94
C VAL A 352 11.81 3.19 -2.24
N THR A 353 11.57 2.30 -1.29
CA THR A 353 12.65 1.73 -0.50
C THR A 353 12.53 0.21 -0.44
N GLY A 354 13.68 -0.45 -0.38
CA GLY A 354 13.71 -1.91 -0.32
C GLY A 354 14.63 -2.37 0.78
N GLY A 355 14.14 -3.28 1.61
CA GLY A 355 14.89 -3.66 2.80
C GLY A 355 15.14 -5.16 2.93
N SER A 356 15.60 -5.53 4.10
CA SER A 356 16.01 -6.92 4.33
C SER A 356 14.83 -7.80 4.70
N ASP A 357 13.63 -7.22 4.81
CA ASP A 357 12.42 -8.03 4.89
C ASP A 357 12.09 -8.56 3.49
N GLY A 358 12.86 -8.15 2.47
CA GLY A 358 12.57 -8.56 1.11
C GLY A 358 11.45 -7.76 0.44
N ILE A 359 10.97 -6.71 1.09
CA ILE A 359 9.84 -5.97 0.53
C ILE A 359 10.27 -4.64 -0.07
N VAL A 360 9.65 -4.29 -1.19
CA VAL A 360 9.77 -2.96 -1.76
C VAL A 360 8.53 -2.17 -1.33
N LYS A 361 8.74 -1.11 -0.57
CA LYS A 361 7.63 -0.32 -0.03
C LYS A 361 7.56 1.01 -0.77
N VAL A 362 6.32 1.49 -1.00
CA VAL A 362 6.08 2.74 -1.72
C VAL A 362 5.53 3.77 -0.70
N TRP A 363 6.09 4.98 -0.70
CA TRP A 363 5.75 6.01 0.26
C TRP A 363 5.41 7.35 -0.40
N ASP A 364 4.41 8.08 0.15
CA ASP A 364 4.17 9.47 -0.25
C ASP A 364 4.33 10.39 0.98
N LEU A 365 5.40 11.16 1.00
CA LEU A 365 5.78 11.93 2.20
C LEU A 365 4.85 13.12 2.43
N ARG A 366 3.96 13.35 1.50
CA ARG A 366 3.01 14.44 1.62
C ARG A 366 1.72 13.97 2.33
N LEU A 367 1.64 12.69 2.68
CA LEU A 367 0.49 12.16 3.42
C LEU A 367 0.80 11.98 4.91
N ASN A 368 -0.22 12.09 5.76
CA ASN A 368 0.01 12.01 7.20
C ASN A 368 0.54 10.64 7.65
N ASN A 369 0.10 9.60 6.96
CA ASN A 369 0.78 8.31 7.03
C ASN A 369 1.32 8.08 5.64
N PRO A 370 2.65 8.11 5.49
CA PRO A 370 3.25 8.09 4.15
C PRO A 370 3.17 6.73 3.42
N PHE A 371 2.96 5.62 4.14
CA PHE A 371 2.94 4.33 3.45
C PHE A 371 1.77 4.18 2.46
N ILE A 372 2.09 3.76 1.24
CA ILE A 372 1.10 3.65 0.20
C ILE A 372 0.77 2.17 0.03
N GLN A 373 1.80 1.39 -0.29
CA GLN A 373 1.59 -0.03 -0.57
C GLN A 373 2.92 -0.75 -0.65
N ASN A 374 2.88 -2.07 -0.46
CA ASN A 374 4.00 -2.93 -0.76
C ASN A 374 3.97 -3.15 -2.28
N PHE A 375 5.08 -2.85 -2.95
CA PHE A 375 5.15 -3.03 -4.40
C PHE A 375 5.37 -4.48 -4.75
N THR A 376 6.31 -5.11 -4.07
CA THR A 376 6.60 -6.50 -4.34
C THR A 376 7.33 -7.09 -3.16
N GLU A 377 7.44 -8.41 -3.15
CA GLU A 377 8.16 -9.17 -2.13
C GLU A 377 9.12 -10.15 -2.79
N MET A 378 10.39 -10.05 -2.45
CA MET A 378 11.40 -10.95 -3.02
C MET A 378 11.73 -12.05 -1.99
N ASN A 379 12.41 -13.11 -2.43
CA ASN A 379 12.63 -14.30 -1.59
C ASN A 379 13.59 -14.09 -0.44
N SER A 380 14.36 -13.02 -0.47
CA SER A 380 15.33 -12.78 0.59
C SER A 380 15.62 -11.25 0.69
N ALA A 381 16.52 -10.87 1.59
CA ALA A 381 16.94 -9.45 1.71
C ALA A 381 17.29 -8.80 0.35
N ILE A 382 16.80 -7.59 0.14
CA ILE A 382 17.07 -6.83 -1.07
C ILE A 382 18.53 -6.39 -1.11
N THR A 383 19.18 -6.56 -2.25
CA THR A 383 20.58 -6.08 -2.38
C THR A 383 20.75 -4.85 -3.26
N TYR A 384 19.77 -4.58 -4.13
CA TYR A 384 19.80 -3.40 -5.02
C TYR A 384 18.45 -3.16 -5.62
N GLY A 385 18.14 -1.91 -5.96
CA GLY A 385 16.94 -1.61 -6.72
C GLY A 385 17.10 -0.27 -7.42
N GLY A 386 16.63 -0.16 -8.66
CA GLY A 386 16.84 1.04 -9.43
C GLY A 386 15.90 1.21 -10.61
N PHE A 387 15.30 2.41 -10.72
CA PHE A 387 14.49 2.78 -11.87
C PHE A 387 15.37 3.20 -13.03
N SER A 388 14.89 2.98 -14.25
CA SER A 388 15.49 3.65 -15.39
C SER A 388 15.06 5.10 -15.32
N GLU A 389 15.87 5.97 -15.91
CA GLU A 389 15.59 7.40 -15.90
C GLU A 389 14.23 7.75 -16.53
N ASP A 390 13.80 6.99 -17.53
CA ASP A 390 12.50 7.25 -18.17
C ASP A 390 11.33 6.58 -17.41
N ALA A 391 11.61 6.00 -16.26
CA ALA A 391 10.56 5.50 -15.37
C ALA A 391 9.87 4.23 -15.90
N SER A 392 10.37 3.70 -17.01
CA SER A 392 9.71 2.58 -17.70
C SER A 392 10.18 1.23 -17.18
N LYS A 393 11.25 1.24 -16.39
CA LYS A 393 11.80 -0.01 -15.86
C LYS A 393 12.08 0.14 -14.38
N LEU A 394 11.84 -0.93 -13.63
CA LEU A 394 12.35 -1.05 -12.26
C LEU A 394 12.99 -2.44 -12.09
N THR A 395 14.20 -2.49 -11.53
CA THR A 395 14.91 -3.73 -11.38
C THR A 395 15.20 -3.87 -9.90
N VAL A 396 14.86 -5.03 -9.32
CA VAL A 396 15.06 -5.27 -7.92
C VAL A 396 15.77 -6.61 -7.72
N CYS A 397 16.78 -6.64 -6.86
CA CYS A 397 17.61 -7.84 -6.66
C CYS A 397 17.65 -8.25 -5.19
N CYS A 398 17.89 -9.53 -4.90
CA CYS A 398 17.94 -9.97 -3.50
C CYS A 398 19.07 -10.96 -3.28
N VAL A 399 19.36 -11.23 -2.02
CA VAL A 399 20.40 -12.16 -1.67
C VAL A 399 20.13 -13.51 -2.33
N GLY A 400 21.15 -14.07 -2.99
CA GLY A 400 21.01 -15.39 -3.60
C GLY A 400 20.87 -15.34 -5.11
N GLY A 401 21.02 -14.16 -5.70
CA GLY A 401 21.09 -14.04 -7.14
C GLY A 401 19.82 -13.69 -7.89
N ASP A 402 18.67 -13.59 -7.23
CA ASP A 402 17.44 -13.23 -7.93
C ASP A 402 17.51 -11.80 -8.46
N VAL A 403 17.12 -11.64 -9.71
CA VAL A 403 16.94 -10.31 -10.30
C VAL A 403 15.55 -10.23 -10.94
N ASN A 404 14.68 -9.39 -10.36
CA ASN A 404 13.36 -9.15 -10.94
C ASN A 404 13.29 -7.85 -11.71
N MET A 405 12.81 -7.91 -12.95
CA MET A 405 12.58 -6.73 -13.76
C MET A 405 11.08 -6.45 -13.98
N TYR A 406 10.66 -5.22 -13.68
CA TYR A 406 9.29 -4.79 -13.88
C TYR A 406 9.24 -3.77 -15.00
N SER A 407 8.22 -3.84 -15.86
CA SER A 407 8.14 -2.91 -16.97
C SER A 407 6.70 -2.45 -17.18
N LEU A 408 6.53 -1.36 -17.91
CA LEU A 408 5.20 -0.93 -18.33
C LEU A 408 4.65 -1.93 -19.35
N GLY A 409 5.29 -3.10 -19.44
CA GLY A 409 4.77 -4.24 -20.17
C GLY A 409 4.30 -5.33 -19.21
N GLY A 413 3.15 -9.12 -17.22
CA GLY A 413 1.97 -8.33 -16.86
C GLY A 413 1.20 -9.02 -15.77
N ASN A 414 1.48 -10.31 -15.61
CA ASN A 414 1.00 -11.07 -14.46
C ASN A 414 2.18 -11.87 -13.94
N LYS A 415 2.95 -12.44 -14.87
CA LYS A 415 4.06 -13.30 -14.49
C LYS A 415 5.37 -12.86 -15.15
N PHE A 416 6.48 -13.35 -14.60
CA PHE A 416 7.78 -13.04 -15.15
C PHE A 416 8.16 -14.00 -16.29
N GLY A 417 8.70 -13.44 -17.37
CA GLY A 417 9.28 -14.23 -18.43
C GLY A 417 10.75 -14.43 -18.14
N GLU A 418 11.47 -14.93 -19.14
CA GLU A 418 12.91 -15.09 -19.05
C GLU A 418 13.58 -14.40 -20.21
N PHE A 419 14.84 -14.03 -19.99
CA PHE A 419 15.71 -13.61 -21.07
C PHE A 419 16.25 -14.90 -21.65
N ARG A 420 16.65 -14.87 -22.91
CA ARG A 420 17.33 -16.02 -23.48
C ARG A 420 18.82 -15.71 -23.49
N ILE A 421 19.59 -16.60 -22.87
CA ILE A 421 21.05 -16.43 -22.79
C ILE A 421 21.72 -16.72 -24.12
N ILE A 422 22.59 -15.83 -24.57
CA ILE A 422 23.26 -15.98 -25.86
C ILE A 422 24.77 -15.98 -25.65
N GLU A 423 25.54 -16.23 -26.70
CA GLU A 423 26.99 -16.09 -26.62
C GLU A 423 27.54 -15.14 -27.69
N LEU B 11 -7.30 15.75 -1.51
CA LEU B 11 -6.96 16.54 -0.34
C LEU B 11 -7.13 15.72 0.94
N MET B 12 -6.35 16.05 1.97
CA MET B 12 -6.49 15.43 3.27
C MET B 12 -7.51 16.16 4.14
N ASP B 13 -7.50 17.49 4.11
CA ASP B 13 -8.36 18.25 4.99
C ASP B 13 -9.80 17.79 4.83
N GLY B 14 -10.45 17.50 5.97
CA GLY B 14 -11.83 17.08 6.01
C GLY B 14 -11.97 15.58 6.18
N GLU B 15 -10.97 14.84 5.70
CA GLU B 15 -11.06 13.38 5.60
C GLU B 15 -10.39 12.66 6.78
N SER B 16 -11.21 12.12 7.68
CA SER B 16 -10.72 11.58 8.95
C SER B 16 -9.80 10.39 8.76
N VAL B 17 -10.05 9.60 7.71
CA VAL B 17 -9.30 8.38 7.52
C VAL B 17 -7.79 8.64 7.57
N PHE B 18 -7.36 9.84 7.19
CA PHE B 18 -5.93 10.19 7.14
C PHE B 18 -5.28 10.34 8.50
N PHE B 19 -6.07 10.51 9.55
CA PHE B 19 -5.52 10.80 10.86
C PHE B 19 -5.89 9.74 11.89
N LEU B 20 -6.63 8.73 11.43
CA LEU B 20 -7.03 7.65 12.32
C LEU B 20 -5.80 6.81 12.64
N LYS B 21 -5.65 6.50 13.93
CA LYS B 21 -4.53 5.71 14.40
C LYS B 21 -5.03 4.43 15.05
N PRO B 22 -4.20 3.38 15.02
CA PRO B 22 -4.51 2.12 15.72
C PRO B 22 -4.84 2.42 17.17
N TRP B 23 -5.95 1.88 17.68
CA TRP B 23 -6.38 2.22 19.04
C TRP B 23 -6.53 0.99 19.92
N LYS B 24 -7.38 0.05 19.52
CA LYS B 24 -7.53 -1.20 20.26
C LYS B 24 -7.65 -2.39 19.34
N HIS B 25 -7.19 -3.54 19.85
CA HIS B 25 -7.35 -4.81 19.15
C HIS B 25 -8.13 -5.75 20.08
N PHE B 26 -8.88 -6.68 19.48
CA PHE B 26 -9.71 -7.61 20.24
C PHE B 26 -9.93 -8.88 19.43
N ASN B 27 -9.65 -10.03 20.04
CA ASN B 27 -10.07 -11.32 19.48
C ASN B 27 -10.39 -12.31 20.60
N GLU B 28 -11.41 -12.01 21.39
CA GLU B 28 -12.02 -13.01 22.26
C GLU B 28 -13.31 -13.43 21.58
N THR B 29 -13.26 -13.53 20.26
CA THR B 29 -14.44 -13.66 19.42
C THR B 29 -14.89 -15.09 19.26
N SER B 30 -16.20 -15.31 19.32
CA SER B 30 -16.75 -16.57 18.87
C SER B 30 -17.04 -16.48 17.36
N GLY B 31 -16.06 -16.90 16.55
CA GLY B 31 -16.17 -16.85 15.10
C GLY B 31 -15.70 -15.51 14.51
N ASP B 32 -16.26 -15.16 13.36
CA ASP B 32 -15.94 -13.92 12.64
C ASP B 32 -16.90 -12.77 12.95
N THR B 33 -16.37 -11.58 13.20
CA THR B 33 -17.22 -10.41 13.44
C THR B 33 -17.77 -9.89 12.13
N VAL B 34 -19.10 -9.78 12.06
CA VAL B 34 -19.81 -9.39 10.84
C VAL B 34 -20.82 -8.25 11.04
N CYS B 35 -20.95 -7.77 12.27
CA CYS B 35 -21.74 -6.58 12.59
C CYS B 35 -21.00 -5.73 13.60
N VAL B 36 -21.06 -4.41 13.43
CA VAL B 36 -20.51 -3.48 14.40
C VAL B 36 -21.45 -2.29 14.43
N ALA B 37 -21.74 -1.77 15.61
CA ALA B 37 -22.56 -0.59 15.70
C ALA B 37 -21.96 0.35 16.73
N TYR B 38 -22.24 1.65 16.58
CA TYR B 38 -21.83 2.68 17.54
C TYR B 38 -23.10 3.38 18.01
N ASN B 39 -23.17 3.78 19.28
CA ASN B 39 -24.41 4.41 19.74
C ASN B 39 -24.43 5.89 19.33
N PRO B 40 -25.61 6.50 19.32
CA PRO B 40 -25.70 7.86 18.79
C PRO B 40 -24.65 8.84 19.37
N LEU B 41 -24.34 8.76 20.66
CA LEU B 41 -23.37 9.67 21.30
C LEU B 41 -21.93 9.25 21.01
N CYS B 42 -21.78 8.16 20.27
CA CYS B 42 -20.47 7.54 20.04
C CYS B 42 -19.68 7.37 21.33
N GLU B 43 -20.33 6.82 22.35
CA GLU B 43 -19.68 6.50 23.62
C GLU B 43 -19.57 5.00 23.84
N LYS B 44 -20.38 4.23 23.11
CA LYS B 44 -20.36 2.79 23.23
C LYS B 44 -20.46 2.14 21.86
N PHE B 45 -19.96 0.91 21.76
CA PHE B 45 -20.05 0.14 20.53
C PHE B 45 -20.49 -1.30 20.81
N ALA B 46 -20.87 -2.00 19.74
CA ALA B 46 -21.25 -3.39 19.87
C ALA B 46 -20.67 -4.18 18.70
N LEU B 47 -20.29 -5.42 18.97
CA LEU B 47 -19.77 -6.36 17.95
C LEU B 47 -20.56 -7.68 17.95
N GLY B 48 -20.90 -8.17 16.76
CA GLY B 48 -21.70 -9.36 16.64
C GLY B 48 -21.05 -10.29 15.66
N SER B 49 -20.90 -11.55 16.06
CA SER B 49 -20.12 -12.52 15.30
C SER B 49 -20.87 -13.78 14.92
N THR B 50 -20.31 -14.51 13.95
CA THR B 50 -20.87 -15.76 13.49
C THR B 50 -20.79 -16.81 14.58
N ALA B 51 -21.56 -17.90 14.40
CA ALA B 51 -21.59 -19.00 15.37
C ALA B 51 -20.36 -19.92 15.23
N GLN B 52 -19.78 -20.28 16.37
CA GLN B 52 -18.62 -21.16 16.39
C GLN B 52 -18.91 -22.42 17.19
N GLY B 60 -18.39 -16.30 23.71
CA GLY B 60 -19.40 -15.28 23.48
C GLY B 60 -19.29 -14.59 22.13
N ASN B 61 -20.40 -14.48 21.41
CA ASN B 61 -20.42 -13.85 20.08
C ASN B 61 -21.18 -12.51 19.98
N LEU B 62 -21.50 -11.91 21.12
CA LEU B 62 -22.19 -10.62 21.18
C LEU B 62 -21.56 -9.80 22.30
N TRP B 63 -21.04 -8.62 22.00
CA TRP B 63 -20.31 -7.85 23.00
C TRP B 63 -20.67 -6.37 22.96
N ILE B 64 -20.64 -5.71 24.12
CA ILE B 64 -20.81 -4.26 24.20
C ILE B 64 -19.58 -3.61 24.84
N GLY B 65 -19.15 -2.49 24.27
CA GLY B 65 -17.94 -1.85 24.74
C GLY B 65 -18.17 -0.42 25.13
N ASP B 66 -17.22 0.15 25.87
CA ASP B 66 -17.32 1.53 26.29
C ASP B 66 -15.97 2.15 25.97
N PHE B 67 -15.99 3.22 25.17
CA PHE B 67 -14.77 3.90 24.74
C PHE B 67 -14.05 4.59 25.91
N HIS B 68 -14.78 5.32 26.75
CA HIS B 68 -14.10 6.11 27.77
C HIS B 68 -13.38 5.18 28.74
N SER B 69 -14.09 4.19 29.26
CA SER B 69 -13.55 3.31 30.28
C SER B 69 -12.75 2.15 29.70
N GLU B 70 -12.83 1.99 28.38
CA GLU B 70 -12.09 0.93 27.68
C GLU B 70 -12.35 -0.45 28.26
N THR B 71 -13.62 -0.81 28.36
CA THR B 71 -14.04 -2.11 28.83
C THR B 71 -15.00 -2.75 27.82
N ILE B 72 -15.05 -4.08 27.82
CA ILE B 72 -15.92 -4.79 26.91
C ILE B 72 -16.57 -5.96 27.65
N GLN B 73 -17.85 -6.24 27.34
CA GLN B 73 -18.62 -7.22 28.10
C GLN B 73 -19.36 -8.19 27.19
N SER B 74 -19.30 -9.48 27.52
CA SER B 74 -19.99 -10.49 26.72
C SER B 74 -21.47 -10.64 27.14
N LEU B 75 -22.36 -10.70 26.16
CA LEU B 75 -23.80 -10.79 26.48
C LEU B 75 -24.31 -12.23 26.36
N GLU B 76 -25.35 -12.56 27.11
CA GLU B 76 -26.04 -13.84 27.00
C GLU B 76 -26.23 -14.23 25.53
N SER B 77 -26.54 -13.24 24.71
CA SER B 77 -26.61 -13.36 23.27
C SER B 77 -27.81 -14.22 22.79
N HIS B 78 -27.71 -14.74 21.58
CA HIS B 78 -28.70 -15.64 21.00
C HIS B 78 -28.13 -17.04 20.85
N TYR B 79 -28.96 -18.06 21.05
CA TYR B 79 -28.48 -19.44 20.97
C TYR B 79 -29.60 -20.45 20.76
N LYS B 80 -29.20 -21.68 20.48
CA LYS B 80 -30.08 -22.84 20.53
C LYS B 80 -29.41 -23.86 21.45
N LEU B 81 -30.22 -24.62 22.20
CA LEU B 81 -29.70 -25.65 23.10
C LEU B 81 -29.54 -26.98 22.36
N ASN B 82 -28.33 -27.52 22.30
CA ASN B 82 -28.14 -28.82 21.64
C ASN B 82 -28.63 -29.99 22.51
N GLN B 83 -28.75 -31.15 21.85
CA GLN B 83 -29.31 -32.36 22.45
C GLN B 83 -28.61 -32.76 23.74
N VAL B 84 -27.38 -32.29 23.93
CA VAL B 84 -26.63 -32.61 25.14
C VAL B 84 -26.79 -31.45 26.14
N GLY B 85 -27.92 -30.76 26.05
CA GLY B 85 -28.25 -29.69 26.98
C GLY B 85 -27.19 -28.61 27.02
N GLU B 86 -26.44 -28.46 25.93
CA GLU B 86 -25.53 -27.33 25.74
C GLU B 86 -26.20 -26.27 24.87
N LYS B 87 -26.03 -25.00 25.24
CA LYS B 87 -26.41 -23.94 24.31
C LYS B 87 -25.27 -23.75 23.33
N GLU B 88 -25.60 -23.68 22.05
CA GLU B 88 -24.64 -23.26 21.03
C GLU B 88 -25.10 -21.95 20.38
N TYR B 89 -24.18 -20.99 20.29
CA TYR B 89 -24.53 -19.66 19.83
C TYR B 89 -25.12 -19.69 18.43
N SER B 90 -25.99 -18.70 18.17
CA SER B 90 -26.46 -18.43 16.81
C SER B 90 -25.83 -17.14 16.29
N THR B 91 -25.63 -17.11 14.97
CA THR B 91 -24.90 -16.04 14.33
C THR B 91 -25.65 -14.73 14.48
N ILE B 92 -24.97 -13.66 14.89
CA ILE B 92 -25.65 -12.37 14.99
C ILE B 92 -25.78 -11.80 13.58
N SER B 93 -26.99 -11.55 13.13
CA SER B 93 -27.19 -11.07 11.76
C SER B 93 -27.23 -9.54 11.60
N ASP B 94 -27.57 -8.83 12.67
CA ASP B 94 -27.61 -7.37 12.62
C ASP B 94 -27.83 -6.84 14.05
N LEU B 95 -27.44 -5.59 14.25
CA LEU B 95 -27.61 -4.94 15.54
C LEU B 95 -27.62 -3.42 15.34
N CYS B 96 -28.19 -2.71 16.31
CA CYS B 96 -28.24 -1.26 16.24
C CYS B 96 -28.66 -0.70 17.59
N PHE B 97 -28.05 0.43 17.95
CA PHE B 97 -28.39 1.09 19.21
C PHE B 97 -29.65 1.94 19.03
N SER B 98 -30.52 1.97 20.04
CA SER B 98 -31.73 2.78 19.91
C SER B 98 -31.35 4.26 19.88
N LYS B 99 -32.23 5.06 19.29
CA LYS B 99 -32.01 6.49 19.21
C LYS B 99 -31.92 7.13 20.59
N GLY B 100 -32.37 6.41 21.61
CA GLY B 100 -32.51 6.98 22.94
C GLY B 100 -31.32 6.70 23.85
N ASN B 101 -30.34 5.99 23.30
CA ASN B 101 -29.05 5.81 23.96
C ASN B 101 -29.05 4.86 25.13
N LEU B 102 -30.15 4.14 25.33
CA LEU B 102 -30.26 3.26 26.48
C LEU B 102 -30.17 1.79 26.09
N PHE B 103 -30.57 1.46 24.87
CA PHE B 103 -30.75 0.04 24.53
C PHE B 103 -30.01 -0.32 23.26
N LEU B 104 -29.69 -1.62 23.13
CA LEU B 104 -29.16 -2.18 21.88
C LEU B 104 -30.10 -3.27 21.36
N TYR B 105 -30.48 -3.22 20.08
CA TYR B 105 -31.34 -4.24 19.47
C TYR B 105 -30.50 -5.17 18.61
N THR B 106 -30.72 -6.47 18.75
CA THR B 106 -29.99 -7.50 18.01
C THR B 106 -30.90 -8.55 17.38
N GLY B 107 -30.51 -9.00 16.20
CA GLY B 107 -31.23 -10.06 15.50
C GLY B 107 -30.27 -11.21 15.23
N ALA B 108 -30.76 -12.44 15.20
CA ALA B 108 -29.87 -13.59 15.01
C ALA B 108 -30.53 -14.74 14.27
N PHE B 109 -29.75 -15.80 14.03
CA PHE B 109 -30.25 -16.98 13.35
C PHE B 109 -30.95 -17.92 14.35
N ASP B 110 -31.38 -17.39 15.49
CA ASP B 110 -32.23 -18.16 16.38
C ASP B 110 -33.66 -17.66 16.25
N ASN B 111 -33.93 -16.87 15.22
CA ASN B 111 -35.28 -16.41 14.93
C ASN B 111 -35.85 -15.37 15.91
N ALA B 112 -35.01 -14.73 16.72
CA ALA B 112 -35.51 -13.76 17.71
C ALA B 112 -34.84 -12.38 17.60
N VAL B 113 -35.57 -11.33 17.99
CA VAL B 113 -34.99 -10.02 18.19
C VAL B 113 -34.95 -9.81 19.69
N LYS B 114 -33.84 -9.32 20.19
CA LYS B 114 -33.67 -9.10 21.62
C LYS B 114 -33.28 -7.65 21.90
N VAL B 115 -33.63 -7.18 23.10
CA VAL B 115 -33.28 -5.82 23.53
C VAL B 115 -32.37 -5.90 24.75
N TRP B 116 -31.22 -5.22 24.70
CA TRP B 116 -30.29 -5.21 25.82
C TRP B 116 -30.11 -3.80 26.37
N ASP B 117 -29.97 -3.67 27.69
CA ASP B 117 -29.59 -2.39 28.27
C ASP B 117 -28.06 -2.33 28.37
N MET B 118 -27.50 -1.20 28.83
CA MET B 118 -26.05 -1.02 28.74
C MET B 118 -25.31 -1.72 29.88
N GLU B 119 -26.04 -2.52 30.64
CA GLU B 119 -25.45 -3.37 31.67
C GLU B 119 -25.46 -4.81 31.20
N GLY B 120 -26.09 -5.05 30.04
CA GLY B 120 -26.14 -6.38 29.48
C GLY B 120 -27.37 -7.15 29.90
N ASN B 121 -28.29 -6.49 30.63
CA ASN B 121 -29.57 -7.09 30.97
C ASN B 121 -30.48 -7.17 29.75
N LEU B 122 -31.09 -8.34 29.57
CA LEU B 122 -32.07 -8.51 28.51
C LEU B 122 -33.35 -7.83 29.01
N CYS B 123 -33.88 -6.93 28.19
CA CYS B 123 -35.01 -6.09 28.57
C CYS B 123 -36.28 -6.41 27.79
N GLY B 124 -36.11 -7.10 26.66
CA GLY B 124 -37.24 -7.42 25.81
C GLY B 124 -36.85 -8.46 24.79
N ILE B 125 -37.83 -9.21 24.31
CA ILE B 125 -37.57 -10.19 23.29
C ILE B 125 -38.77 -10.36 22.39
N PHE B 126 -38.51 -10.62 21.11
CA PHE B 126 -39.57 -10.81 20.13
C PHE B 126 -39.39 -12.19 19.52
N ASN B 127 -40.32 -13.10 19.80
CA ASN B 127 -40.18 -14.53 19.48
C ASN B 127 -41.04 -15.03 18.33
N ALA B 128 -41.87 -14.16 17.78
CA ALA B 128 -42.83 -14.58 16.75
C ALA B 128 -42.15 -15.11 15.49
N PRO B 129 -41.06 -14.48 15.02
CA PRO B 129 -40.52 -14.98 13.75
C PRO B 129 -40.28 -16.48 13.76
N THR B 130 -40.51 -17.12 12.62
CA THR B 130 -40.39 -18.57 12.49
C THR B 130 -39.10 -19.02 11.80
N ASP B 131 -38.16 -18.11 11.61
CA ASP B 131 -36.94 -18.42 10.87
C ASP B 131 -35.96 -17.24 11.05
N TYR B 132 -34.74 -17.37 10.52
CA TYR B 132 -33.66 -16.42 10.78
C TYR B 132 -34.09 -14.96 10.70
N ILE B 133 -33.56 -14.12 11.59
CA ILE B 133 -33.61 -12.70 11.34
C ILE B 133 -32.51 -12.42 10.32
N HIS B 134 -32.80 -11.67 9.25
CA HIS B 134 -31.75 -11.28 8.28
C HIS B 134 -31.25 -9.82 8.41
N LYS B 135 -32.11 -8.89 8.80
CA LYS B 135 -31.76 -7.46 8.80
C LYS B 135 -32.62 -6.66 9.78
N LEU B 136 -32.05 -5.61 10.38
CA LEU B 136 -32.80 -4.63 11.19
C LEU B 136 -32.66 -3.23 10.61
N ALA B 137 -33.67 -2.39 10.80
CA ALA B 137 -33.57 -0.97 10.47
C ALA B 137 -34.27 -0.19 11.56
N LEU B 138 -33.88 1.06 11.79
CA LEU B 138 -34.47 1.81 12.89
C LEU B 138 -34.89 3.20 12.39
N SER B 139 -36.13 3.60 12.68
CA SER B 139 -36.63 4.92 12.24
C SER B 139 -36.15 6.02 13.16
N ASP B 140 -36.41 7.28 12.80
CA ASP B 140 -35.99 8.40 13.63
C ASP B 140 -36.76 8.42 14.95
N ASP B 141 -37.94 7.79 14.96
CA ASP B 141 -38.75 7.67 16.15
C ASP B 141 -38.49 6.37 16.91
N ASP B 142 -37.40 5.70 16.56
CA ASP B 142 -36.98 4.45 17.22
C ASP B 142 -37.94 3.26 17.00
N LEU B 143 -38.66 3.26 15.89
CA LEU B 143 -39.42 2.08 15.45
C LEU B 143 -38.44 1.11 14.81
N LEU B 144 -38.49 -0.16 15.19
CA LEU B 144 -37.56 -1.15 14.65
C LEU B 144 -38.25 -1.99 13.53
N ALA B 145 -37.63 -2.08 12.37
CA ALA B 145 -38.15 -2.93 11.28
C ALA B 145 -37.26 -4.17 11.17
N VAL B 146 -37.89 -5.34 11.00
CA VAL B 146 -37.19 -6.61 11.02
C VAL B 146 -37.51 -7.36 9.71
N ALA B 147 -36.46 -7.86 9.04
CA ALA B 147 -36.59 -8.70 7.84
C ALA B 147 -36.29 -10.13 8.26
N CYS B 148 -37.24 -11.01 8.02
CA CYS B 148 -37.13 -12.41 8.47
C CYS B 148 -37.08 -13.34 7.26
N LYS B 149 -36.30 -14.42 7.37
CA LYS B 149 -36.12 -15.36 6.27
C LYS B 149 -37.42 -16.09 5.90
N ASN B 150 -38.37 -16.11 6.83
CA ASN B 150 -39.70 -16.65 6.57
C ASN B 150 -40.50 -15.79 5.58
N GLY B 151 -39.94 -14.68 5.12
CA GLY B 151 -40.65 -13.88 4.14
C GLY B 151 -41.45 -12.69 4.70
N TYR B 152 -41.55 -12.63 6.03
CA TYR B 152 -42.28 -11.54 6.70
C TYR B 152 -41.31 -10.43 7.07
N GLY B 153 -41.77 -9.19 6.97
CA GLY B 153 -41.21 -8.11 7.74
C GLY B 153 -42.02 -7.86 9.00
N TYR B 154 -41.40 -7.29 10.03
CA TYR B 154 -42.13 -6.89 11.24
C TYR B 154 -41.78 -5.46 11.62
N LEU B 155 -42.72 -4.77 12.29
CA LEU B 155 -42.41 -3.51 12.94
C LEU B 155 -42.66 -3.64 14.44
N LEU B 156 -41.67 -3.25 15.23
CA LEU B 156 -41.77 -3.35 16.69
C LEU B 156 -41.51 -2.02 17.39
N SER B 157 -42.34 -1.69 18.39
CA SER B 157 -42.06 -0.56 19.27
C SER B 157 -41.65 -1.04 20.66
N THR B 158 -40.82 -0.24 21.31
CA THR B 158 -40.28 -0.62 22.59
C THR B 158 -40.52 0.50 23.61
N ASP B 159 -40.61 0.14 24.88
CA ASP B 159 -40.76 1.14 25.94
C ASP B 159 -39.47 1.95 26.05
N ASN B 160 -39.60 3.28 25.93
CA ASN B 160 -38.46 4.18 25.99
C ASN B 160 -37.68 4.06 27.29
N SER B 161 -38.33 3.62 28.35
CA SER B 161 -37.66 3.53 29.65
C SER B 161 -37.22 2.12 30.05
N THR B 162 -38.02 1.10 29.77
CA THR B 162 -37.65 -0.26 30.22
C THR B 162 -37.10 -1.13 29.11
N GLY B 163 -37.33 -0.76 27.86
CA GLY B 163 -36.89 -1.61 26.77
C GLY B 163 -37.81 -2.79 26.45
N GLU B 164 -38.95 -2.90 27.12
CA GLU B 164 -39.89 -3.99 26.81
C GLU B 164 -40.53 -3.83 25.43
N ILE B 165 -40.74 -4.93 24.70
CA ILE B 165 -41.42 -4.80 23.41
C ILE B 165 -42.89 -4.50 23.67
N LEU B 166 -43.40 -3.41 23.09
CA LEU B 166 -44.77 -2.97 23.37
C LEU B 166 -45.77 -3.36 22.28
N THR B 167 -45.34 -3.33 21.02
CA THR B 167 -46.24 -3.57 19.91
C THR B 167 -45.50 -4.22 18.77
N SER B 168 -46.25 -4.91 17.93
CA SER B 168 -45.70 -5.52 16.76
C SER B 168 -46.74 -5.56 15.67
N ALA B 169 -46.24 -5.59 14.43
CA ALA B 169 -47.07 -5.58 13.25
C ALA B 169 -46.37 -6.33 12.12
N ASN B 170 -47.11 -7.13 11.36
CA ASN B 170 -46.53 -7.83 10.20
C ASN B 170 -46.53 -6.97 8.94
N LEU B 171 -45.48 -7.11 8.11
CA LEU B 171 -45.50 -6.55 6.78
C LEU B 171 -45.57 -7.69 5.79
N ILE B 172 -46.69 -7.79 5.09
CA ILE B 172 -47.00 -8.98 4.29
C ILE B 172 -47.19 -8.62 2.83
N TYR B 173 -46.40 -9.27 1.99
CA TYR B 173 -46.55 -9.20 0.55
C TYR B 173 -46.98 -10.60 0.07
N PRO B 174 -48.29 -10.85 0.01
CA PRO B 174 -48.80 -12.17 -0.38
C PRO B 174 -48.01 -12.83 -1.52
N GLU B 175 -47.84 -12.13 -2.64
CA GLU B 175 -47.18 -12.70 -3.82
C GLU B 175 -45.78 -13.24 -3.52
N ALA B 176 -45.07 -12.59 -2.61
CA ALA B 176 -43.70 -12.96 -2.29
C ALA B 176 -43.68 -14.24 -1.48
N LEU B 177 -44.67 -14.38 -0.61
CA LEU B 177 -44.76 -15.57 0.23
C LEU B 177 -45.13 -16.76 -0.65
N GLU B 178 -46.01 -16.54 -1.61
CA GLU B 178 -46.44 -17.59 -2.55
C GLU B 178 -45.26 -18.07 -3.39
N LYS B 179 -44.32 -17.16 -3.69
CA LYS B 179 -43.13 -17.53 -4.45
C LYS B 179 -42.04 -18.07 -3.52
N GLY B 180 -42.32 -18.08 -2.22
CA GLY B 180 -41.37 -18.60 -1.24
C GLY B 180 -40.17 -17.70 -0.94
N TYR B 181 -40.28 -16.41 -1.29
CA TYR B 181 -39.21 -15.44 -1.02
C TYR B 181 -38.85 -15.24 0.45
N SER B 182 -37.57 -14.97 0.69
CA SER B 182 -37.12 -14.51 1.99
C SER B 182 -37.06 -12.99 2.00
N ALA B 183 -37.37 -12.39 3.14
CA ALA B 183 -37.17 -10.98 3.37
C ALA B 183 -35.76 -10.87 3.95
N SER B 184 -34.88 -10.23 3.20
CA SER B 184 -33.47 -10.18 3.54
C SER B 184 -32.91 -8.76 3.74
N LEU B 185 -33.58 -7.74 3.19
CA LEU B 185 -33.13 -6.36 3.37
C LEU B 185 -34.31 -5.54 3.87
N ILE B 186 -34.02 -4.52 4.68
CA ILE B 186 -35.07 -3.63 5.13
C ILE B 186 -34.52 -2.27 5.51
N GLU B 187 -35.28 -1.22 5.19
CA GLU B 187 -34.85 0.16 5.45
C GLU B 187 -36.06 1.06 5.55
N PHE B 188 -36.02 2.05 6.44
CA PHE B 188 -37.04 3.08 6.47
C PHE B 188 -36.71 4.12 5.40
N SER B 189 -37.77 4.76 4.90
CA SER B 189 -37.65 5.83 3.93
C SER B 189 -38.67 6.89 4.28
N ASN B 190 -38.23 8.14 4.29
CA ASN B 190 -39.10 9.26 4.59
C ASN B 190 -38.62 10.44 3.74
N PHE B 191 -39.41 10.83 2.74
CA PHE B 191 -38.97 11.86 1.81
C PHE B 191 -38.55 13.13 2.54
N LEU B 192 -37.25 13.45 2.41
CA LEU B 192 -36.65 14.63 3.02
C LEU B 192 -36.77 14.62 4.55
N GLY B 193 -37.14 13.49 5.12
CA GLY B 193 -37.39 13.43 6.54
C GLY B 193 -38.51 14.38 6.95
N ARG B 194 -39.40 14.72 6.01
CA ARG B 194 -40.50 15.66 6.28
C ARG B 194 -41.87 15.05 5.99
N SER B 195 -41.92 13.76 5.72
CA SER B 195 -43.15 13.12 5.27
C SER B 195 -43.51 11.97 6.22
N SER B 196 -44.29 11.01 5.74
CA SER B 196 -44.61 9.85 6.56
C SER B 196 -43.56 8.77 6.28
N ASP B 197 -43.25 7.96 7.29
CA ASP B 197 -42.29 6.87 7.12
C ASP B 197 -42.85 5.72 6.29
N LYS B 198 -42.04 5.29 5.32
CA LYS B 198 -42.30 4.09 4.52
C LYS B 198 -41.22 3.08 4.87
N VAL B 199 -41.47 1.81 4.56
CA VAL B 199 -40.52 0.71 4.78
C VAL B 199 -40.23 0.03 3.42
N ILE B 200 -38.96 -0.09 3.06
CA ILE B 200 -38.60 -0.75 1.81
C ILE B 200 -38.12 -2.14 2.22
N ILE B 201 -38.61 -3.21 1.57
CA ILE B 201 -38.12 -4.54 1.89
C ILE B 201 -37.58 -5.19 0.60
N GLY B 202 -36.38 -5.77 0.68
CA GLY B 202 -35.80 -6.51 -0.43
C GLY B 202 -35.91 -8.01 -0.19
N TYR B 203 -36.39 -8.74 -1.20
CA TYR B 203 -36.57 -10.18 -1.10
C TYR B 203 -35.61 -10.92 -2.02
N ASP B 204 -35.20 -12.10 -1.61
CA ASP B 204 -34.38 -12.96 -2.45
C ASP B 204 -34.85 -14.41 -2.28
N SER B 205 -34.36 -15.28 -3.16
CA SER B 205 -34.68 -16.69 -3.10
C SER B 205 -33.42 -17.54 -2.99
N PHE B 206 -32.40 -17.02 -2.30
CA PHE B 206 -31.10 -17.68 -2.24
C PHE B 206 -31.21 -19.07 -1.62
N HIS B 207 -32.11 -19.21 -0.64
CA HIS B 207 -32.24 -20.47 0.09
C HIS B 207 -32.67 -21.64 -0.80
N THR B 208 -32.92 -21.35 -2.09
CA THR B 208 -33.17 -22.40 -3.08
C THR B 208 -32.30 -22.15 -4.31
N SER B 209 -31.16 -21.48 -4.09
CA SER B 209 -30.19 -21.19 -5.14
C SER B 209 -30.88 -20.62 -6.38
N ASN B 210 -31.79 -19.69 -6.13
CA ASN B 210 -32.51 -18.98 -7.18
C ASN B 210 -32.20 -17.49 -7.15
N ASN B 211 -31.73 -16.93 -8.25
CA ASN B 211 -31.53 -15.49 -8.31
C ASN B 211 -32.83 -14.78 -8.64
N ARG B 212 -33.83 -15.01 -7.78
CA ARG B 212 -35.13 -14.35 -7.89
C ARG B 212 -35.40 -13.59 -6.60
N GLY B 213 -36.30 -12.62 -6.70
CA GLY B 213 -36.79 -11.87 -5.54
C GLY B 213 -37.58 -10.67 -6.00
N CYS B 214 -37.60 -9.61 -5.20
CA CYS B 214 -38.29 -8.39 -5.59
C CYS B 214 -38.06 -7.33 -4.53
N LEU B 215 -38.53 -6.13 -4.84
CA LEU B 215 -38.39 -4.98 -3.97
C LEU B 215 -39.78 -4.39 -3.78
N ALA B 216 -40.18 -4.17 -2.52
CA ALA B 216 -41.53 -3.72 -2.19
C ALA B 216 -41.51 -2.56 -1.18
N LEU B 217 -42.59 -1.78 -1.15
CA LEU B 217 -42.73 -0.65 -0.26
C LEU B 217 -43.98 -0.83 0.64
N PHE B 218 -43.87 -0.54 1.93
CA PHE B 218 -45.03 -0.57 2.86
C PHE B 218 -45.15 0.80 3.54
N ASP B 219 -46.35 1.14 3.98
CA ASP B 219 -46.54 2.33 4.79
C ASP B 219 -46.38 1.93 6.25
N ALA B 220 -45.52 2.66 6.98
CA ALA B 220 -45.17 2.29 8.35
C ALA B 220 -46.35 2.40 9.33
N SER B 221 -47.07 3.53 9.32
CA SER B 221 -48.10 3.74 10.36
C SER B 221 -49.27 2.74 10.28
N THR B 222 -49.65 2.33 9.07
CA THR B 222 -50.71 1.35 8.91
C THR B 222 -50.17 -0.06 8.66
N ALA B 223 -48.86 -0.16 8.44
CA ALA B 223 -48.21 -1.44 8.19
C ALA B 223 -48.79 -2.12 6.96
N SER B 224 -49.23 -1.33 5.98
CA SER B 224 -49.88 -1.90 4.81
C SER B 224 -48.98 -1.84 3.57
N PHE B 225 -49.02 -2.93 2.80
CA PHE B 225 -48.35 -2.99 1.50
C PHE B 225 -48.76 -1.81 0.60
N VAL B 226 -47.80 -1.15 -0.02
CA VAL B 226 -48.11 -0.02 -0.92
C VAL B 226 -47.95 -0.40 -2.40
N GLN B 227 -46.83 -1.04 -2.74
CA GLN B 227 -46.49 -1.33 -4.14
C GLN B 227 -45.25 -2.24 -4.26
N LYS B 228 -45.17 -3.02 -5.33
CA LYS B 228 -43.92 -3.65 -5.74
C LYS B 228 -43.23 -2.67 -6.68
N PHE B 229 -41.93 -2.43 -6.49
CA PHE B 229 -41.24 -1.51 -7.37
C PHE B 229 -41.14 -2.15 -8.75
N ASN B 230 -41.14 -1.33 -9.79
CA ASN B 230 -41.16 -1.82 -11.17
C ASN B 230 -39.80 -2.32 -11.64
N THR B 231 -39.46 -3.55 -11.26
CA THR B 231 -38.27 -4.23 -11.75
C THR B 231 -38.69 -5.66 -11.95
N ALA B 232 -37.88 -6.43 -12.68
CA ALA B 232 -38.14 -7.85 -12.85
C ALA B 232 -37.74 -8.60 -11.58
N ASP B 233 -38.27 -9.81 -11.42
CA ASP B 233 -37.97 -10.62 -10.25
C ASP B 233 -36.51 -11.02 -10.22
N GLU B 234 -35.78 -10.37 -9.32
CA GLU B 234 -34.35 -10.58 -9.18
C GLU B 234 -34.11 -10.59 -7.69
N ALA B 235 -33.00 -11.20 -7.30
CA ALA B 235 -32.67 -11.34 -5.89
C ALA B 235 -31.94 -10.08 -5.41
N PHE B 236 -32.58 -9.29 -4.56
CA PHE B 236 -31.95 -8.04 -4.12
C PHE B 236 -30.93 -8.31 -3.04
N THR B 237 -29.79 -7.63 -3.12
CA THR B 237 -28.65 -7.95 -2.24
C THR B 237 -28.19 -6.80 -1.33
N SER B 238 -28.53 -5.55 -1.67
CA SER B 238 -28.05 -4.41 -0.88
C SER B 238 -28.98 -3.24 -1.01
N LEU B 239 -29.23 -2.52 0.08
CA LEU B 239 -30.00 -1.25 0.05
C LEU B 239 -29.12 -0.17 0.69
N TYR B 240 -29.10 1.02 0.11
CA TYR B 240 -28.33 2.14 0.68
C TYR B 240 -29.13 3.44 0.52
N MET B 241 -29.54 4.06 1.63
CA MET B 241 -30.32 5.29 1.56
C MET B 241 -29.39 6.50 1.58
N HIS B 242 -29.55 7.40 0.64
CA HIS B 242 -28.71 8.59 0.69
C HIS B 242 -29.07 9.42 1.92
N PRO B 243 -28.06 10.01 2.59
CA PRO B 243 -28.32 10.72 3.84
C PRO B 243 -29.33 11.87 3.68
N SER B 244 -29.51 12.35 2.46
CA SER B 244 -30.47 13.44 2.19
C SER B 244 -31.92 12.97 2.09
N GLN B 245 -32.11 11.65 2.08
CA GLN B 245 -33.45 11.09 2.00
C GLN B 245 -34.20 11.59 0.76
N VAL B 246 -33.50 11.83 -0.35
CA VAL B 246 -34.19 12.10 -1.62
C VAL B 246 -34.15 10.88 -2.56
N GLY B 247 -33.29 9.90 -2.25
CA GLY B 247 -33.22 8.70 -3.06
C GLY B 247 -32.35 7.61 -2.44
N PHE B 248 -32.33 6.45 -3.07
CA PHE B 248 -31.58 5.31 -2.55
C PHE B 248 -31.24 4.38 -3.68
N VAL B 249 -30.29 3.47 -3.47
CA VAL B 249 -30.04 2.48 -4.50
C VAL B 249 -30.30 1.09 -3.96
N ALA B 250 -30.55 0.16 -4.89
CA ALA B 250 -30.81 -1.21 -4.54
C ALA B 250 -30.13 -2.06 -5.59
N SER B 251 -29.32 -3.03 -5.18
CA SER B 251 -28.66 -3.91 -6.14
C SER B 251 -29.31 -5.28 -6.13
N SER B 252 -29.25 -5.98 -7.26
CA SER B 252 -29.79 -7.33 -7.37
C SER B 252 -28.90 -8.24 -8.19
N ASN B 253 -28.91 -9.53 -7.88
CA ASN B 253 -28.28 -10.55 -8.72
C ASN B 253 -29.39 -11.17 -9.58
N THR B 254 -29.10 -11.44 -10.85
CA THR B 254 -30.10 -11.92 -11.80
C THR B 254 -29.61 -13.18 -12.51
N LEU B 255 -30.33 -13.56 -13.55
CA LEU B 255 -30.03 -14.81 -14.25
C LEU B 255 -28.74 -14.70 -15.04
N SER B 256 -28.29 -13.47 -15.26
CA SER B 256 -27.00 -13.24 -15.90
C SER B 256 -26.17 -12.25 -15.07
N ASN B 257 -26.28 -10.97 -15.39
CA ASN B 257 -25.46 -9.98 -14.73
C ASN B 257 -26.21 -9.22 -13.62
N GLY B 258 -25.46 -8.60 -12.72
CA GLY B 258 -26.01 -7.79 -11.65
C GLY B 258 -26.58 -6.48 -12.16
N ARG B 259 -27.53 -5.93 -11.39
CA ARG B 259 -28.08 -4.60 -11.65
C ARG B 259 -27.93 -3.73 -10.40
N VAL B 260 -27.85 -2.42 -10.62
CA VAL B 260 -28.04 -1.47 -9.54
C VAL B 260 -29.13 -0.51 -9.98
N TYR B 261 -30.12 -0.30 -9.12
CA TYR B 261 -31.20 0.64 -9.38
C TYR B 261 -31.03 1.89 -8.52
N TYR B 262 -31.20 3.07 -9.11
CA TYR B 262 -31.20 4.31 -8.32
C TYR B 262 -32.64 4.74 -8.28
N LEU B 263 -33.20 4.87 -7.08
CA LEU B 263 -34.61 5.20 -6.91
C LEU B 263 -34.86 6.58 -6.30
N ASP B 264 -35.99 7.18 -6.68
CA ASP B 264 -36.40 8.51 -6.22
C ASP B 264 -37.40 8.34 -5.06
N THR B 265 -37.21 9.07 -3.97
CA THR B 265 -38.06 8.94 -2.77
C THR B 265 -39.35 9.77 -2.85
N ARG B 266 -39.38 10.72 -3.77
CA ARG B 266 -40.59 11.54 -3.94
C ARG B 266 -41.73 10.74 -4.57
N MET B 267 -41.41 10.00 -5.63
CA MET B 267 -42.41 9.22 -6.35
C MET B 267 -42.27 7.73 -6.11
N TYR B 268 -41.15 7.32 -5.49
CA TYR B 268 -40.85 5.89 -5.29
C TYR B 268 -40.91 5.15 -6.61
N LYS B 269 -40.11 5.63 -7.56
CA LYS B 269 -39.98 5.00 -8.86
C LYS B 269 -38.50 4.82 -9.18
N VAL B 270 -38.20 3.92 -10.11
CA VAL B 270 -36.84 3.72 -10.59
C VAL B 270 -36.50 4.84 -11.55
N CYS B 271 -35.40 5.52 -11.31
CA CYS B 271 -34.95 6.61 -12.17
C CYS B 271 -33.77 6.20 -13.05
N LEU B 272 -32.83 5.46 -12.47
CA LEU B 272 -31.66 5.01 -13.20
C LEU B 272 -31.43 3.52 -13.04
N ASN B 273 -30.65 3.00 -13.96
CA ASN B 273 -30.46 1.59 -14.13
C ASN B 273 -29.00 1.41 -14.56
N PHE B 274 -28.26 0.55 -13.87
CA PHE B 274 -26.86 0.32 -14.18
C PHE B 274 -26.67 -1.16 -14.32
N THR B 275 -25.88 -1.58 -15.31
CA THR B 275 -25.61 -2.99 -15.47
C THR B 275 -24.11 -3.26 -15.26
N THR B 276 -23.81 -4.33 -14.54
CA THR B 276 -22.45 -4.73 -14.27
C THR B 276 -22.25 -6.20 -14.67
N THR B 277 -21.01 -6.60 -14.97
CA THR B 277 -20.75 -7.98 -15.33
C THR B 277 -20.56 -8.83 -14.08
N GLN B 278 -20.51 -8.20 -12.92
CA GLN B 278 -20.33 -8.94 -11.68
C GLN B 278 -21.52 -9.86 -11.47
N LYS B 279 -21.26 -11.08 -11.00
CA LYS B 279 -22.33 -12.04 -10.83
C LYS B 279 -22.90 -12.07 -9.42
N ASP B 280 -22.21 -11.44 -8.46
CA ASP B 280 -22.69 -11.46 -7.07
C ASP B 280 -22.34 -10.12 -6.39
N ILE B 281 -23.30 -9.21 -6.35
CA ILE B 281 -23.07 -7.93 -5.70
C ILE B 281 -23.27 -8.05 -4.20
N ASN B 282 -22.24 -7.68 -3.43
CA ASN B 282 -22.35 -7.65 -1.98
C ASN B 282 -22.92 -6.32 -1.47
N HIS B 283 -22.46 -5.21 -2.02
CA HIS B 283 -22.84 -3.88 -1.51
C HIS B 283 -23.02 -2.85 -2.61
N ALA B 284 -24.12 -2.09 -2.58
CA ALA B 284 -24.20 -0.90 -3.42
C ALA B 284 -24.16 0.35 -2.56
N THR B 285 -23.53 1.42 -3.07
CA THR B 285 -23.61 2.71 -2.37
C THR B 285 -23.85 3.90 -3.31
N ILE B 286 -24.12 5.07 -2.72
CA ILE B 286 -24.15 6.35 -3.43
C ILE B 286 -23.20 7.28 -2.69
N SER B 287 -22.37 8.03 -3.40
CA SER B 287 -21.49 9.00 -2.74
C SER B 287 -22.27 10.07 -1.93
N ASN B 288 -21.59 10.70 -0.98
CA ASN B 288 -22.19 11.78 -0.24
C ASN B 288 -22.68 12.88 -1.19
N SER B 289 -21.92 13.13 -2.26
CA SER B 289 -22.32 14.13 -3.25
C SER B 289 -23.60 13.71 -3.97
N GLY B 290 -23.93 12.43 -3.90
CA GLY B 290 -25.16 11.92 -4.48
C GLY B 290 -25.03 11.62 -5.97
N ILE B 291 -23.83 11.80 -6.51
CA ILE B 291 -23.57 11.68 -7.95
C ILE B 291 -23.00 10.30 -8.37
N LEU B 292 -22.15 9.72 -7.54
CA LEU B 292 -21.53 8.45 -7.89
C LEU B 292 -22.26 7.28 -7.26
N VAL B 293 -22.40 6.21 -8.04
CA VAL B 293 -22.99 4.95 -7.56
C VAL B 293 -21.96 3.81 -7.65
N THR B 294 -22.01 2.90 -6.68
CA THR B 294 -21.01 1.84 -6.62
C THR B 294 -21.61 0.45 -6.45
N SER B 295 -20.84 -0.55 -6.86
CA SER B 295 -21.26 -1.94 -6.77
C SER B 295 -20.02 -2.79 -6.47
N SER B 296 -19.95 -3.31 -5.25
CA SER B 296 -18.79 -4.06 -4.79
C SER B 296 -19.12 -5.56 -4.82
N GLY B 297 -18.23 -6.35 -5.44
CA GLY B 297 -18.55 -7.72 -5.84
C GLY B 297 -17.75 -8.83 -5.17
N THR B 298 -18.23 -10.06 -5.30
CA THR B 298 -17.49 -11.20 -4.78
C THR B 298 -16.23 -11.38 -5.64
N ASP B 299 -16.14 -10.65 -6.75
CA ASP B 299 -14.93 -10.61 -7.60
C ASP B 299 -13.80 -9.76 -6.99
N ASN B 300 -14.02 -9.26 -5.77
CA ASN B 300 -13.00 -8.45 -5.10
C ASN B 300 -12.74 -7.15 -5.86
N GLN B 301 -13.78 -6.59 -6.49
CA GLN B 301 -13.65 -5.26 -7.08
C GLN B 301 -14.95 -4.47 -7.03
N THR B 302 -14.83 -3.16 -7.25
CA THR B 302 -15.99 -2.26 -7.19
C THR B 302 -16.05 -1.41 -8.44
N PHE B 303 -17.18 -1.50 -9.11
CA PHE B 303 -17.47 -0.69 -10.29
C PHE B 303 -18.10 0.61 -9.81
N VAL B 304 -17.75 1.73 -10.44
CA VAL B 304 -18.28 3.01 -10.04
C VAL B 304 -18.83 3.67 -11.30
N TRP B 305 -20.01 4.27 -11.18
CA TRP B 305 -20.62 4.98 -12.30
C TRP B 305 -20.91 6.42 -11.95
N ASP B 306 -20.77 7.30 -12.94
CA ASP B 306 -21.24 8.67 -12.79
C ASP B 306 -22.70 8.70 -13.27
N SER B 307 -23.59 9.10 -12.37
CA SER B 307 -25.02 9.08 -12.66
C SER B 307 -25.40 9.94 -13.86
N ARG B 308 -24.53 10.88 -14.21
CA ARG B 308 -24.76 11.75 -15.37
C ARG B 308 -24.36 11.08 -16.69
N LYS B 309 -23.52 10.04 -16.60
CA LYS B 309 -23.18 9.20 -17.76
C LYS B 309 -23.29 7.74 -17.35
N PRO B 310 -24.52 7.24 -17.22
CA PRO B 310 -24.81 5.93 -16.60
C PRO B 310 -24.41 4.71 -17.42
N ASP B 311 -24.10 4.92 -18.69
CA ASP B 311 -24.03 3.81 -19.63
C ASP B 311 -22.80 2.92 -19.42
N LYS B 312 -21.68 3.54 -19.07
CA LYS B 312 -20.44 2.83 -18.82
C LYS B 312 -19.81 3.29 -17.50
N PRO B 313 -19.13 2.39 -16.79
CA PRO B 313 -18.47 2.70 -15.51
C PRO B 313 -17.47 3.81 -15.63
N LEU B 314 -17.31 4.56 -14.54
CA LEU B 314 -16.31 5.61 -14.44
C LEU B 314 -14.97 5.00 -14.08
N SER B 315 -14.98 4.04 -13.18
CA SER B 315 -13.75 3.38 -12.78
C SER B 315 -14.05 2.00 -12.27
N LEU B 316 -12.97 1.23 -12.16
CA LEU B 316 -13.03 -0.08 -11.58
C LEU B 316 -11.91 -0.12 -10.55
N LEU B 317 -12.28 -0.32 -9.28
CA LEU B 317 -11.35 -0.23 -8.17
C LEU B 317 -11.04 -1.65 -7.71
N LYS B 318 -9.84 -2.12 -7.97
CA LYS B 318 -9.54 -3.52 -7.72
C LYS B 318 -8.77 -3.79 -6.46
N HIS B 319 -9.14 -4.87 -5.79
CA HIS B 319 -8.32 -5.42 -4.73
C HIS B 319 -7.46 -6.54 -5.32
N GLY B 320 -6.54 -7.07 -4.53
CA GLY B 320 -5.61 -8.10 -5.02
C GLY B 320 -6.01 -9.51 -4.65
N LYS B 321 -5.03 -10.42 -4.66
CA LYS B 321 -5.27 -11.85 -4.43
C LYS B 321 -5.85 -12.14 -3.05
N THR B 322 -6.85 -13.01 -2.99
CA THR B 322 -7.44 -13.37 -1.70
C THR B 322 -6.40 -14.04 -0.80
N LYS B 323 -6.56 -13.86 0.50
CA LYS B 323 -5.70 -14.52 1.47
C LYS B 323 -6.31 -15.86 1.89
N MET B 324 -7.41 -16.24 1.26
CA MET B 324 -8.06 -17.52 1.58
C MET B 324 -7.48 -18.62 0.70
N ILE B 325 -7.09 -19.73 1.33
CA ILE B 325 -6.51 -20.88 0.61
C ILE B 325 -7.45 -22.08 0.63
N ALA B 337 -15.73 -14.59 -1.53
CA ALA B 337 -16.06 -13.56 -0.54
C ALA B 337 -16.01 -12.15 -1.16
N GLY B 338 -14.80 -11.77 -1.57
CA GLY B 338 -14.59 -10.48 -2.23
C GLY B 338 -14.77 -9.33 -1.25
N ILE B 339 -15.41 -8.27 -1.72
CA ILE B 339 -15.47 -7.02 -0.95
C ILE B 339 -16.55 -7.07 0.13
N ASN B 340 -16.15 -6.95 1.40
CA ASN B 340 -17.09 -6.94 2.52
C ASN B 340 -17.19 -5.57 3.24
N MET B 341 -16.35 -4.62 2.85
CA MET B 341 -16.47 -3.25 3.36
C MET B 341 -16.54 -2.29 2.19
N ALA B 342 -17.50 -1.37 2.25
CA ALA B 342 -17.60 -0.33 1.23
C ALA B 342 -18.37 0.83 1.87
N GLN B 343 -17.69 1.95 2.10
CA GLN B 343 -18.30 3.13 2.73
C GLN B 343 -17.63 4.42 2.29
N TRP B 344 -18.44 5.46 2.07
CA TRP B 344 -17.88 6.78 1.81
C TRP B 344 -17.45 7.40 3.15
N GLN B 345 -16.27 7.99 3.18
CA GLN B 345 -15.82 8.77 4.33
C GLN B 345 -16.95 9.64 4.85
N PRO B 346 -17.36 9.43 6.10
CA PRO B 346 -18.40 10.28 6.70
C PRO B 346 -17.95 11.74 6.79
N LYS B 347 -18.74 12.68 6.27
CA LYS B 347 -18.40 14.11 6.25
C LYS B 347 -17.29 14.42 5.24
N GLY B 348 -16.88 13.44 4.45
CA GLY B 348 -15.82 13.63 3.48
C GLY B 348 -16.25 13.26 2.08
N ASN B 349 -15.26 13.10 1.20
CA ASN B 349 -15.49 12.79 -0.21
C ASN B 349 -14.82 11.48 -0.64
N LEU B 350 -13.97 10.91 0.21
CA LEU B 350 -13.23 9.70 -0.15
C LEU B 350 -14.09 8.44 0.03
N PHE B 351 -13.70 7.38 -0.69
CA PHE B 351 -14.37 6.09 -0.65
C PHE B 351 -13.38 5.05 -0.14
N VAL B 352 -13.86 4.12 0.69
CA VAL B 352 -13.02 3.14 1.35
C VAL B 352 -13.61 1.72 1.19
N THR B 353 -12.79 0.77 0.71
CA THR B 353 -13.22 -0.63 0.59
C THR B 353 -12.21 -1.62 1.24
N GLY B 354 -12.72 -2.75 1.72
CA GLY B 354 -11.89 -3.79 2.34
C GLY B 354 -12.20 -5.13 1.67
N GLY B 355 -11.16 -5.87 1.28
CA GLY B 355 -11.35 -6.99 0.38
C GLY B 355 -10.83 -8.31 0.93
N SER B 356 -10.92 -9.37 0.14
CA SER B 356 -10.46 -10.71 0.57
C SER B 356 -8.95 -10.79 0.62
N ASP B 357 -8.28 -9.76 0.07
CA ASP B 357 -6.83 -9.66 0.13
C ASP B 357 -6.43 -9.16 1.51
N GLY B 358 -7.43 -8.91 2.35
CA GLY B 358 -7.18 -8.51 3.73
C GLY B 358 -6.79 -7.05 3.87
N ILE B 359 -7.01 -6.28 2.82
CA ILE B 359 -6.50 -4.92 2.75
C ILE B 359 -7.63 -3.90 2.72
N VAL B 360 -7.46 -2.80 3.46
CA VAL B 360 -8.37 -1.66 3.35
C VAL B 360 -7.71 -0.57 2.49
N LYS B 361 -8.40 -0.20 1.42
CA LYS B 361 -7.88 0.72 0.41
C LYS B 361 -8.69 2.01 0.36
N VAL B 362 -7.98 3.13 0.18
CA VAL B 362 -8.57 4.46 0.14
C VAL B 362 -8.53 4.99 -1.27
N TRP B 363 -9.65 5.57 -1.73
CA TRP B 363 -9.78 5.98 -3.13
C TRP B 363 -10.37 7.38 -3.22
N ASP B 364 -9.86 8.17 -4.16
CA ASP B 364 -10.50 9.46 -4.51
C ASP B 364 -10.98 9.39 -5.95
N LEU B 365 -12.31 9.31 -6.13
CA LEU B 365 -12.93 9.13 -7.45
C LEU B 365 -12.93 10.43 -8.28
N ARG B 366 -12.38 11.50 -7.72
CA ARG B 366 -12.23 12.75 -8.48
C ARG B 366 -10.92 12.74 -9.27
N LEU B 367 -10.03 11.80 -8.94
CA LEU B 367 -8.75 11.71 -9.60
C LEU B 367 -8.83 10.73 -10.77
N ASN B 368 -7.92 10.89 -11.71
CA ASN B 368 -7.86 10.03 -12.90
C ASN B 368 -7.34 8.65 -12.53
N ASN B 369 -6.48 8.63 -11.53
CA ASN B 369 -6.02 7.39 -10.91
C ASN B 369 -6.49 7.43 -9.45
N PRO B 370 -7.63 6.79 -9.16
CA PRO B 370 -8.24 7.02 -7.85
C PRO B 370 -7.57 6.40 -6.62
N PHE B 371 -6.61 5.49 -6.79
CA PHE B 371 -6.07 4.85 -5.60
C PHE B 371 -5.18 5.83 -4.82
N ILE B 372 -5.41 5.92 -3.51
CA ILE B 372 -4.57 6.77 -2.67
C ILE B 372 -3.57 5.94 -1.88
N GLN B 373 -4.06 5.06 -1.00
CA GLN B 373 -3.16 4.22 -0.21
C GLN B 373 -3.88 3.05 0.42
N ASN B 374 -3.11 2.02 0.78
CA ASN B 374 -3.61 0.96 1.64
C ASN B 374 -3.56 1.43 3.10
N PHE B 375 -4.73 1.73 3.65
CA PHE B 375 -4.82 2.21 5.03
C PHE B 375 -4.32 1.17 6.02
N THR B 376 -4.54 -0.10 5.72
CA THR B 376 -4.18 -1.16 6.66
C THR B 376 -4.32 -2.54 6.03
N GLU B 377 -3.76 -3.55 6.70
CA GLU B 377 -3.80 -4.91 6.21
C GLU B 377 -4.01 -5.83 7.38
N MET B 378 -5.04 -6.68 7.29
CA MET B 378 -5.35 -7.59 8.38
C MET B 378 -4.80 -8.97 8.06
N ASN B 379 -4.67 -9.81 9.08
CA ASN B 379 -4.06 -11.13 8.87
C ASN B 379 -4.84 -12.02 7.90
N SER B 380 -6.14 -11.78 7.73
CA SER B 380 -6.90 -12.56 6.75
C SER B 380 -7.95 -11.73 5.98
N ALA B 381 -8.77 -12.38 5.15
CA ALA B 381 -9.82 -11.71 4.38
C ALA B 381 -10.74 -10.89 5.30
N ILE B 382 -11.15 -9.71 4.84
CA ILE B 382 -11.94 -8.82 5.66
C ILE B 382 -13.42 -9.27 5.69
N THR B 383 -14.03 -9.25 6.86
CA THR B 383 -15.42 -9.72 7.02
C THR B 383 -16.39 -8.57 7.31
N TYR B 384 -15.87 -7.50 7.89
CA TYR B 384 -16.62 -6.27 8.09
C TYR B 384 -15.73 -5.05 8.28
N GLY B 385 -16.24 -3.87 7.90
CA GLY B 385 -15.54 -2.65 8.24
C GLY B 385 -16.47 -1.47 8.24
N GLY B 386 -16.39 -0.58 9.24
CA GLY B 386 -17.27 0.57 9.26
C GLY B 386 -16.81 1.77 10.08
N PHE B 387 -17.11 2.96 9.56
CA PHE B 387 -16.89 4.22 10.27
C PHE B 387 -18.02 4.51 11.22
N SER B 388 -17.74 5.17 12.33
CA SER B 388 -18.76 5.83 13.12
C SER B 388 -19.29 7.03 12.35
N GLU B 389 -20.57 7.36 12.53
CA GLU B 389 -21.15 8.48 11.81
C GLU B 389 -20.42 9.81 12.04
N ASP B 390 -19.74 9.94 13.17
CA ASP B 390 -19.03 11.20 13.44
C ASP B 390 -17.61 11.16 12.89
N ALA B 391 -17.30 10.10 12.13
CA ALA B 391 -15.98 9.95 11.47
C ALA B 391 -14.82 9.76 12.45
N SER B 392 -15.11 9.68 13.75
CA SER B 392 -14.05 9.61 14.74
C SER B 392 -13.54 8.20 14.97
N LYS B 393 -14.22 7.19 14.41
CA LYS B 393 -13.85 5.81 14.61
C LYS B 393 -13.91 4.99 13.33
N LEU B 394 -13.08 3.95 13.26
CA LEU B 394 -13.17 2.97 12.18
C LEU B 394 -12.88 1.58 12.77
N THR B 395 -13.68 0.59 12.40
CA THR B 395 -13.50 -0.77 12.90
C THR B 395 -13.44 -1.74 11.76
N VAL B 396 -12.35 -2.52 11.72
CA VAL B 396 -12.12 -3.47 10.66
C VAL B 396 -11.98 -4.89 11.25
N CYS B 397 -12.58 -5.87 10.59
CA CYS B 397 -12.67 -7.22 11.12
C CYS B 397 -12.22 -8.19 10.07
N CYS B 398 -11.58 -9.30 10.45
CA CYS B 398 -11.23 -10.30 9.46
C CYS B 398 -11.46 -11.74 9.93
N VAL B 399 -11.41 -12.66 9.00
CA VAL B 399 -11.60 -14.07 9.28
C VAL B 399 -10.62 -14.55 10.34
N GLY B 400 -11.10 -15.40 11.24
CA GLY B 400 -10.25 -15.88 12.32
C GLY B 400 -10.48 -15.12 13.59
N GLY B 401 -11.22 -14.03 13.50
CA GLY B 401 -11.75 -13.37 14.66
C GLY B 401 -11.03 -12.11 15.11
N ASP B 402 -10.13 -11.58 14.31
CA ASP B 402 -9.48 -10.34 14.70
C ASP B 402 -10.43 -9.15 14.60
N VAL B 403 -10.32 -8.22 15.53
CA VAL B 403 -11.00 -6.94 15.40
C VAL B 403 -10.02 -5.80 15.67
N ASN B 404 -9.86 -4.91 14.68
CA ASN B 404 -9.02 -3.74 14.84
C ASN B 404 -9.84 -2.46 14.91
N MET B 405 -9.64 -1.69 15.95
CA MET B 405 -10.33 -0.43 16.07
C MET B 405 -9.36 0.74 15.99
N TYR B 406 -9.66 1.67 15.09
CA TYR B 406 -8.87 2.89 14.93
C TYR B 406 -9.65 4.12 15.41
N SER B 407 -8.92 5.14 15.85
CA SER B 407 -9.55 6.32 16.44
C SER B 407 -8.71 7.58 16.26
N LEU B 408 -9.34 8.73 16.50
CA LEU B 408 -8.72 10.05 16.32
C LEU B 408 -8.57 10.39 14.85
N GLY B 413 -0.76 6.57 20.49
CA GLY B 413 -0.61 6.60 19.05
C GLY B 413 -0.50 5.24 18.41
N ASN B 414 0.65 4.94 17.82
CA ASN B 414 0.75 3.86 16.85
C ASN B 414 0.87 2.40 17.27
N LYS B 415 0.46 2.03 18.48
CA LYS B 415 0.19 0.62 18.71
C LYS B 415 -1.24 0.33 19.13
N PHE B 416 -1.69 -0.89 18.99
CA PHE B 416 -2.94 -1.31 19.56
C PHE B 416 -2.84 -1.58 21.05
N GLY B 417 -3.71 -0.96 21.81
CA GLY B 417 -4.01 -1.37 23.17
C GLY B 417 -5.08 -2.45 23.16
N GLU B 418 -5.64 -2.75 24.32
CA GLU B 418 -6.72 -3.71 24.41
C GLU B 418 -7.70 -3.37 25.53
N PHE B 419 -8.80 -4.14 25.60
CA PHE B 419 -9.89 -3.87 26.53
C PHE B 419 -9.77 -4.70 27.80
N ARG B 420 -10.14 -4.09 28.93
CA ARG B 420 -10.42 -4.85 30.14
C ARG B 420 -11.79 -5.46 29.98
N ILE B 421 -11.89 -6.77 30.18
CA ILE B 421 -13.16 -7.48 30.05
C ILE B 421 -13.96 -7.51 31.36
N ILE B 422 -15.02 -6.71 31.44
CA ILE B 422 -15.90 -6.72 32.61
C ILE B 422 -16.94 -7.83 32.55
N GLU B 423 -17.51 -8.16 33.70
CA GLU B 423 -18.40 -9.31 33.82
C GLU B 423 -19.59 -8.99 34.72
#